data_9CJ8
#
_entry.id   9CJ8
#
_cell.length_a   1.00
_cell.length_b   1.00
_cell.length_c   1.00
_cell.angle_alpha   90.00
_cell.angle_beta   90.00
_cell.angle_gamma   90.00
#
_symmetry.space_group_name_H-M   'P 1'
#
loop_
_entity.id
_entity.type
_entity.pdbx_description
1 polymer 'Rabbit polyclonal Fv heavy chain'
2 polymer 'Rabbit polyclonal Fv light chain'
3 polymer 'Glycoprotein G1'
4 polymer 'Glycoprotein G2'
5 branched 2-acetamido-2-deoxy-beta-D-glucopyranose-(1-4)-2-acetamido-2-deoxy-beta-D-glucopyranose
6 branched alpha-D-mannopyranose-(1-6)-beta-D-mannopyranose-(1-4)-2-acetamido-2-deoxy-beta-D-glucopyranose-(1-4)-[alpha-L-fucopyranose-(1-6)]2-acetamido-2-deoxy-beta-D-glucopyranose
7 branched 2-acetamido-2-deoxy-beta-D-glucopyranose-(1-4)-[alpha-L-fucopyranose-(1-6)]2-acetamido-2-deoxy-beta-D-glucopyranose
8 branched alpha-D-mannopyranose-(1-3)-[alpha-D-mannopyranose-(1-6)]beta-D-mannopyranose-(1-4)-2-acetamido-2-deoxy-beta-D-glucopyranose-(1-4)-2-acetamido-2-deoxy-beta-D-glucopyranose
9 non-polymer 2-acetamido-2-deoxy-beta-D-glucopyranose
#
loop_
_entity_poly.entity_id
_entity_poly.type
_entity_poly.pdbx_seq_one_letter_code
_entity_poly.pdbx_strand_id
1 'polypeptide(L)'
;(UNK)(UNK)(UNK)(UNK)(UNK)(UNK)(UNK)(UNK)(UNK)(UNK)(UNK)(UNK)(UNK)(UNK)(UNK)(UNK)
(UNK)(UNK)(UNK)(UNK)(UNK)(UNK)(UNK)(UNK)(UNK)(UNK)(UNK)(UNK)(UNK)(UNK)(UNK)(UNK)
(UNK)(UNK)(UNK)(UNK)(UNK)(UNK)(UNK)(UNK)(UNK)(UNK)(UNK)(UNK)(UNK)(UNK)(UNK)(UNK)
(UNK)(UNK)(UNK)(UNK)(UNK)(UNK)(UNK)(UNK)(UNK)(UNK)(UNK)(UNK)(UNK)(UNK)(UNK)(UNK)
(UNK)(UNK)(UNK)(UNK)(UNK)(UNK)(UNK)(UNK)(UNK)(UNK)(UNK)(UNK)(UNK)(UNK)(UNK)(UNK)
(UNK)(UNK)(UNK)(UNK)(UNK)(UNK)(UNK)(UNK)(UNK)(UNK)(UNK)(UNK)(UNK)(UNK)(UNK)(UNK)
(UNK)(UNK)(UNK)(UNK)(UNK)(UNK)(UNK)(UNK)(UNK)(UNK)(UNK)(UNK)(UNK)(UNK)(UNK)(UNK)
(UNK)(UNK)(UNK)(UNK)(UNK)
;
H
2 'polypeptide(L)'
;(UNK)(UNK)(UNK)(UNK)(UNK)(UNK)(UNK)(UNK)(UNK)(UNK)(UNK)(UNK)(UNK)(UNK)(UNK)(UNK)
(UNK)(UNK)(UNK)(UNK)(UNK)(UNK)(UNK)(UNK)(UNK)(UNK)(UNK)(UNK)(UNK)(UNK)(UNK)(UNK)
(UNK)(UNK)(UNK)(UNK)(UNK)(UNK)(UNK)(UNK)(UNK)(UNK)(UNK)(UNK)(UNK)(UNK)(UNK)(UNK)
(UNK)(UNK)(UNK)(UNK)(UNK)(UNK)(UNK)(UNK)(UNK)(UNK)(UNK)(UNK)(UNK)(UNK)(UNK)(UNK)
(UNK)(UNK)(UNK)(UNK)(UNK)(UNK)(UNK)(UNK)(UNK)(UNK)(UNK)(UNK)(UNK)(UNK)(UNK)(UNK)
(UNK)(UNK)(UNK)(UNK)(UNK)(UNK)(UNK)(UNK)(UNK)(UNK)(UNK)(UNK)(UNK)(UNK)(UNK)(UNK)
(UNK)(UNK)(UNK)(UNK)(UNK)(UNK)(UNK)(UNK)
;
L
3 'polypeptide(L)'
;MGQIVTFFQEVPHVIEEVMNIVLIALSVLAVLKGLYNFATCGLVGLVTFLLLCGRSCTTSLYKGVYELQTLELNMETLNM
TMPLSCTKNNSHHYIMVGNETGLELTLTNTSIINHKFCNLSDAHKKNLYDHALMSIISTFHLSIPNFNQYEAMSCDFNGG
KISVQYNLSHSYAGDAANHCGTVANGVLQTFMRMAWGGSYIALDSGCGNWDCIMTSYQYLIIQNTTWEDHCQFSRPSPIG
YLGLLSQRTRDIYISRRLL
;
C,A,B
4 'polypeptide(L)'
;GTFTWTLSDSEGKDTPGGYCLTRWMLIEAELKCFGNTAVAKCNEKHDEEFCDMLRLFDFNKQAIQRLKAPAQMSIQLINK
AVNALINDQLIMKNHLRDIMCIPYCNYSKYWYLNHTTTGRTSLPKCWLVSNGSYLNETHFSDDIEQQADNMITEMLQKEY
MERQGGSGGSGGSGGSGGSEKAAKAEEAARKMEELFKKHKIVAVLRANSVEEAIEKAVAVFAGGVHLIEITFTVPDADTV
IKALSVLKEKGAIIGAGTVTSVEQCRKAVESGAEFIVSPHLDEEISQFCKEKGVFYMPGVMTPTELVKAMKLGHDILKLF
PGEVVGPEFVKAMKGPFPNVKFVPTGGVDLDNVCEWFDAGVLAVGVGDALVEGDPDEVREKAKEFVEKIRGCTEGSLEWS
HPQFEK
;
a,b,c
#
# COMPACT_ATOMS: atom_id res chain seq x y z
N UNK A 1 3.22 -27.92 29.09
CA UNK A 1 4.18 -28.11 27.97
C UNK A 1 3.42 -28.28 26.66
N UNK A 2 4.15 -28.46 25.56
CA UNK A 2 3.54 -28.69 24.26
C UNK A 2 2.75 -29.99 24.29
N UNK A 3 1.43 -29.88 24.17
CA UNK A 3 0.53 -31.03 24.29
C UNK A 3 -0.59 -30.91 23.27
N UNK A 4 -1.33 -32.00 23.11
CA UNK A 4 -2.47 -32.04 22.21
C UNK A 4 -3.49 -33.00 22.78
N UNK A 5 -4.63 -32.48 23.25
CA UNK A 5 -5.66 -33.30 23.87
C UNK A 5 -6.68 -33.70 22.81
N UNK A 6 -6.83 -35.01 22.60
CA UNK A 6 -7.78 -35.57 21.65
C UNK A 6 -9.05 -35.97 22.38
N UNK A 7 -10.19 -35.55 21.84
CA UNK A 7 -11.47 -35.77 22.48
C UNK A 7 -12.57 -35.78 21.41
N UNK A 8 -13.82 -35.73 21.86
CA UNK A 8 -14.99 -35.80 20.98
C UNK A 8 -15.05 -37.14 20.26
N UNK A 9 -14.71 -38.22 20.98
CA UNK A 9 -14.74 -39.57 20.45
C UNK A 9 -15.25 -40.51 21.53
N UNK A 10 -16.11 -41.44 21.14
CA UNK A 10 -16.67 -42.42 22.07
C UNK A 10 -17.26 -43.57 21.25
N UNK A 11 -17.96 -44.47 21.92
CA UNK A 11 -18.54 -45.65 21.28
C UNK A 11 -19.89 -45.27 20.68
N UNK A 12 -19.84 -44.74 19.46
CA UNK A 12 -21.05 -44.37 18.76
C UNK A 12 -21.79 -45.61 18.28
N UNK A 13 -23.02 -45.42 17.82
CA UNK A 13 -23.83 -46.52 17.31
C UNK A 13 -23.26 -47.02 15.99
N UNK A 14 -23.73 -48.19 15.56
CA UNK A 14 -23.26 -48.80 14.33
C UNK A 14 -23.67 -47.96 13.13
N UNK A 15 -22.72 -47.75 12.20
CA UNK A 15 -22.95 -46.97 11.00
C UNK A 15 -23.41 -45.54 11.33
N UNK A 16 -22.81 -44.96 12.36
CA UNK A 16 -23.13 -43.62 12.83
C UNK A 16 -22.06 -42.65 12.33
N UNK A 17 -22.12 -41.41 12.82
CA UNK A 17 -21.14 -40.38 12.51
C UNK A 17 -20.69 -39.72 13.81
N UNK A 18 -19.37 -39.63 13.99
CA UNK A 18 -18.77 -39.01 15.16
C UNK A 18 -17.59 -38.15 14.71
N UNK A 19 -17.55 -36.91 15.18
CA UNK A 19 -16.53 -35.94 14.78
C UNK A 19 -15.49 -35.84 15.90
N UNK A 20 -14.32 -36.41 15.68
CA UNK A 20 -13.23 -36.29 16.62
C UNK A 20 -12.62 -34.89 16.54
N UNK A 21 -11.94 -34.50 17.61
CA UNK A 21 -11.25 -33.22 17.67
C UNK A 21 -9.96 -33.39 18.46
N UNK A 22 -9.02 -32.48 18.23
CA UNK A 22 -7.71 -32.56 18.88
C UNK A 22 -7.21 -31.13 19.12
N UNK A 23 -7.50 -30.61 20.31
CA UNK A 23 -7.13 -29.25 20.65
C UNK A 23 -5.68 -29.20 21.11
N UNK A 24 -4.89 -28.34 20.49
CA UNK A 24 -3.49 -28.20 20.83
C UNK A 24 -3.32 -27.34 22.08
N UNK A 25 -2.08 -27.30 22.58
CA UNK A 25 -1.75 -26.48 23.74
C UNK A 25 -0.25 -26.19 23.65
N UNK A 26 0.07 -24.93 23.34
CA UNK A 26 1.41 -24.37 23.15
C UNK A 26 2.04 -24.76 21.82
N UNK A 27 1.40 -25.61 21.00
CA UNK A 27 1.93 -25.90 19.68
C UNK A 27 1.85 -24.68 18.76
N UNK A 28 0.88 -23.80 18.99
CA UNK A 28 0.63 -22.52 18.33
C UNK A 28 0.00 -22.66 16.95
N UNK A 29 -0.16 -23.87 16.40
CA UNK A 29 -0.77 -24.09 15.09
C UNK A 29 -0.08 -23.28 13.99
N UNK A 30 1.25 -23.25 14.05
CA UNK A 30 2.02 -22.43 13.13
C UNK A 30 1.99 -23.00 11.71
N UNK A 31 2.38 -22.17 10.76
CA UNK A 31 2.56 -22.63 9.39
C UNK A 31 3.76 -23.57 9.32
N UNK A 32 3.89 -24.25 8.18
CA UNK A 32 4.93 -25.25 7.95
C UNK A 32 4.86 -26.38 8.97
N UNK A 33 3.67 -26.68 9.47
CA UNK A 33 3.45 -27.80 10.38
C UNK A 33 2.02 -28.27 10.17
N UNK A 34 1.87 -29.26 9.29
CA UNK A 34 0.56 -29.76 8.89
C UNK A 34 0.13 -30.89 9.82
N UNK A 35 -1.07 -30.79 10.38
CA UNK A 35 -1.56 -31.80 11.29
C UNK A 35 -1.88 -33.09 10.54
N UNK A 36 -1.97 -34.18 11.29
CA UNK A 36 -2.32 -35.48 10.72
C UNK A 36 -2.93 -36.34 11.80
N UNK A 37 -3.84 -37.22 11.41
CA UNK A 37 -4.55 -38.11 12.32
C UNK A 37 -4.31 -39.55 11.87
N UNK A 38 -3.82 -40.38 12.78
CA UNK A 38 -3.53 -41.79 12.54
C UNK A 38 -4.56 -42.66 13.24
N UNK A 39 -4.42 -43.97 13.02
CA UNK A 39 -5.36 -44.97 13.50
C UNK A 39 -4.63 -46.29 13.72
N UNK A 40 -4.96 -46.97 14.83
CA UNK A 40 -4.29 -48.21 15.20
C UNK A 40 -5.30 -49.10 15.92
N UNK A 41 -5.89 -50.04 15.18
CA UNK A 41 -6.87 -50.95 15.76
C UNK A 41 -6.24 -51.82 16.85
N UNK A 42 -7.11 -52.40 17.67
CA UNK A 42 -6.68 -53.18 18.82
C UNK A 42 -5.83 -54.38 18.39
N UNK A 43 -4.56 -54.39 18.78
CA UNK A 43 -3.61 -55.43 18.43
C UNK A 43 -3.47 -55.55 16.91
N UNK A 44 -3.13 -54.44 16.28
CA UNK A 44 -2.99 -54.40 14.83
C UNK A 44 -2.09 -53.24 14.46
N UNK A 45 -1.62 -53.27 13.22
CA UNK A 45 -0.69 -52.26 12.74
C UNK A 45 -1.37 -50.90 12.63
N UNK A 46 -0.59 -49.85 12.86
CA UNK A 46 -1.11 -48.50 12.74
C UNK A 46 -1.24 -48.11 11.26
N UNK A 47 -2.14 -47.16 11.01
CA UNK A 47 -2.42 -46.70 9.65
C UNK A 47 -2.81 -45.24 9.69
N UNK A 48 -2.65 -44.57 8.55
CA UNK A 48 -2.92 -43.14 8.44
C UNK A 48 -4.38 -42.92 8.04
N UNK A 49 -5.03 -41.99 8.75
CA UNK A 49 -6.42 -41.61 8.40
C UNK A 49 -6.38 -40.43 7.42
N UNK A 50 -6.00 -39.23 7.89
CA UNK A 50 -5.99 -38.02 7.02
C UNK A 50 -5.04 -36.94 7.56
N UNK A 51 -4.70 -35.95 6.74
CA UNK A 51 -3.82 -34.84 7.18
C UNK A 51 -4.32 -33.49 6.61
N UNK A 52 -3.96 -32.38 7.27
CA UNK A 52 -4.40 -31.02 6.84
C UNK A 52 -3.26 -30.00 7.05
N UNK A 53 -3.36 -28.82 6.43
CA UNK A 53 -2.32 -27.77 6.55
C UNK A 53 -2.92 -26.51 7.16
N UNK A 54 -2.26 -25.90 8.15
CA UNK A 54 -2.83 -24.73 8.86
C UNK A 54 -3.02 -23.48 7.98
N UNK A 55 -2.01 -23.11 7.17
CA UNK A 55 -2.09 -21.85 6.39
C UNK A 55 -3.24 -21.86 5.37
N UNK A 56 -3.39 -22.95 4.64
CA UNK A 56 -4.46 -23.09 3.63
C UNK A 56 -4.93 -24.55 3.68
N UNK A 57 -6.23 -24.81 3.50
CA UNK A 57 -6.73 -26.17 3.69
C UNK A 57 -6.26 -27.05 2.52
N UNK A 58 -4.98 -27.39 2.58
CA UNK A 58 -4.37 -28.31 1.61
C UNK A 58 -4.43 -29.74 2.10
N UNK A 59 -5.64 -30.17 2.51
CA UNK A 59 -5.81 -31.52 3.09
C UNK A 59 -5.24 -32.60 2.15
N UNK A 60 -4.96 -33.79 2.69
CA UNK A 60 -4.45 -34.91 1.88
C UNK A 60 -4.91 -36.21 2.52
N UNK A 61 -5.79 -36.97 1.85
CA UNK A 61 -6.32 -38.18 2.46
C UNK A 61 -5.73 -39.39 1.77
N UNK A 62 -5.86 -40.54 2.43
CA UNK A 62 -5.35 -41.80 1.93
C UNK A 62 -6.41 -42.56 1.15
N UNK A 63 -5.97 -43.56 0.39
CA UNK A 63 -6.87 -44.32 -0.46
C UNK A 63 -7.81 -45.23 0.32
N UNK A 64 -7.59 -45.43 1.62
CA UNK A 64 -8.46 -46.30 2.40
C UNK A 64 -9.88 -45.77 2.44
N UNK A 65 -10.03 -44.46 2.59
CA UNK A 65 -11.35 -43.83 2.56
C UNK A 65 -11.16 -42.35 2.24
N UNK A 66 -11.59 -41.95 1.05
CA UNK A 66 -11.49 -40.55 0.64
C UNK A 66 -12.71 -39.73 1.01
N UNK A 67 -13.88 -40.37 1.08
CA UNK A 67 -15.14 -39.68 1.36
C UNK A 67 -15.57 -39.75 2.81
N UNK A 68 -15.21 -40.83 3.52
CA UNK A 68 -15.73 -41.02 4.88
C UNK A 68 -15.16 -39.99 5.85
N UNK A 69 -13.84 -39.78 5.79
CA UNK A 69 -13.15 -38.88 6.71
C UNK A 69 -12.96 -37.52 6.05
N UNK A 70 -13.33 -36.45 6.76
CA UNK A 70 -13.16 -35.08 6.30
C UNK A 70 -12.44 -34.29 7.38
N UNK A 71 -11.46 -33.49 6.97
CA UNK A 71 -10.62 -32.71 7.87
C UNK A 71 -10.90 -31.22 7.72
N UNK A 72 -10.97 -30.52 8.85
CA UNK A 72 -11.21 -29.08 8.89
C UNK A 72 -10.22 -28.47 9.88
N UNK A 73 -9.27 -27.68 9.36
CA UNK A 73 -8.18 -27.13 10.14
C UNK A 73 -8.47 -25.66 10.45
N UNK A 74 -9.26 -25.44 11.50
CA UNK A 74 -9.48 -24.09 12.00
C UNK A 74 -8.24 -23.64 12.77
N UNK A 75 -7.75 -22.44 12.46
CA UNK A 75 -6.58 -21.87 13.12
C UNK A 75 -6.93 -20.92 14.25
N UNK A 76 -8.17 -20.40 14.28
CA UNK A 76 -8.56 -19.48 15.35
C UNK A 76 -8.50 -20.16 16.71
N UNK A 77 -9.15 -21.31 16.83
CA UNK A 77 -8.88 -22.28 17.88
C UNK A 77 -8.05 -23.40 17.26
N UNK A 78 -7.00 -23.81 17.96
CA UNK A 78 -5.99 -24.67 17.37
C UNK A 78 -6.49 -26.07 17.00
N UNK A 79 -7.68 -26.45 17.44
CA UNK A 79 -8.19 -27.80 17.17
C UNK A 79 -8.44 -28.01 15.69
N UNK A 80 -8.21 -29.24 15.23
CA UNK A 80 -8.50 -29.69 13.88
C UNK A 80 -9.58 -30.77 13.96
N UNK A 81 -10.69 -30.55 13.27
CA UNK A 81 -11.86 -31.42 13.36
C UNK A 81 -11.80 -32.51 12.30
N UNK A 82 -11.98 -33.76 12.72
CA UNK A 82 -12.01 -34.93 11.83
C UNK A 82 -13.43 -35.50 11.88
N UNK A 83 -14.26 -35.09 10.92
CA UNK A 83 -15.60 -35.63 10.80
C UNK A 83 -15.57 -36.99 10.11
N UNK A 84 -16.40 -37.91 10.60
CA UNK A 84 -16.46 -39.29 10.12
C UNK A 84 -17.86 -39.58 9.61
N UNK A 85 -17.94 -40.15 8.42
CA UNK A 85 -19.21 -40.60 7.85
C UNK A 85 -19.59 -41.95 8.44
N UNK A 86 -20.52 -42.67 7.81
CA UNK A 86 -20.92 -43.99 8.26
C UNK A 86 -19.71 -44.92 8.33
N UNK A 87 -19.49 -45.49 9.52
CA UNK A 87 -18.36 -46.38 9.78
C UNK A 87 -18.85 -47.55 10.62
N UNK A 88 -18.20 -48.70 10.47
CA UNK A 88 -18.59 -49.91 11.16
C UNK A 88 -17.38 -50.77 11.43
N UNK A 89 -17.34 -51.36 12.64
CA UNK A 89 -16.25 -52.25 13.06
C UNK A 89 -14.90 -51.56 12.97
N UNK A 90 -14.87 -50.29 13.37
CA UNK A 90 -13.66 -49.46 13.37
C UNK A 90 -13.46 -48.93 14.77
N UNK A 91 -12.55 -49.56 15.53
CA UNK A 91 -12.15 -49.12 16.86
C UNK A 91 -10.65 -48.94 16.80
N UNK A 92 -10.23 -47.75 16.36
CA UNK A 92 -8.84 -47.49 16.02
C UNK A 92 -8.06 -46.73 17.08
N UNK A 93 -8.71 -46.18 18.10
CA UNK A 93 -8.04 -45.32 19.08
C UNK A 93 -7.29 -44.20 18.37
N UNK A 94 -7.98 -43.52 17.46
CA UNK A 94 -7.36 -42.60 16.52
C UNK A 94 -6.67 -41.47 17.27
N UNK A 95 -5.42 -41.18 16.89
CA UNK A 95 -4.60 -40.18 17.56
C UNK A 95 -4.17 -39.08 16.60
N UNK A 96 -4.17 -37.84 17.08
CA UNK A 96 -3.76 -36.70 16.31
C UNK A 96 -2.31 -36.34 16.62
N UNK A 97 -1.53 -36.06 15.58
CA UNK A 97 -0.13 -35.73 15.70
C UNK A 97 0.23 -34.67 14.68
N UNK A 98 0.95 -33.64 15.13
CA UNK A 98 1.46 -32.63 14.22
C UNK A 98 2.55 -33.24 13.33
N UNK A 99 2.92 -32.51 12.28
CA UNK A 99 3.93 -32.99 11.35
C UNK A 99 4.48 -31.81 10.57
N UNK A 100 5.80 -31.68 10.54
CA UNK A 100 6.44 -30.61 9.80
C UNK A 100 6.17 -30.77 8.29
N UNK A 101 5.85 -29.66 7.64
CA UNK A 101 5.53 -29.67 6.22
C UNK A 101 6.83 -29.59 5.44
N UNK A 102 7.35 -30.76 5.08
CA UNK A 102 8.56 -30.84 4.28
C UNK A 102 8.64 -32.23 3.68
N UNK A 103 9.55 -32.39 2.72
CA UNK A 103 9.74 -33.70 2.10
C UNK A 103 10.22 -34.72 3.13
N UNK A 104 11.13 -34.31 4.01
CA UNK A 104 11.63 -35.14 5.10
C UNK A 104 11.10 -34.58 6.41
N UNK A 105 10.22 -35.34 7.06
CA UNK A 105 9.59 -34.90 8.30
C UNK A 105 9.08 -36.12 9.04
N UNK A 106 8.59 -35.88 10.26
CA UNK A 106 8.08 -36.96 11.10
C UNK A 106 7.05 -36.40 12.05
N UNK A 107 6.21 -37.29 12.57
CA UNK A 107 5.17 -36.91 13.53
C UNK A 107 5.84 -36.76 14.89
N UNK A 108 6.36 -35.57 15.15
CA UNK A 108 7.16 -35.34 16.34
C UNK A 108 6.31 -35.42 17.61
N UNK A 109 5.18 -34.72 17.62
CA UNK A 109 4.32 -34.60 18.80
C UNK A 109 3.08 -35.45 18.59
N UNK A 110 3.09 -36.67 19.13
CA UNK A 110 1.91 -37.52 19.13
C UNK A 110 0.99 -37.07 20.26
N UNK A 111 -0.02 -37.87 20.58
CA UNK A 111 -1.00 -37.46 21.58
C UNK A 111 -1.72 -38.69 22.14
N UNK A 112 -2.37 -38.49 23.28
CA UNK A 112 -3.26 -39.49 23.80
C UNK A 112 -4.50 -39.60 22.92
N UNK A 113 -5.19 -40.73 23.03
CA UNK A 113 -6.31 -41.07 22.16
C UNK A 113 -7.47 -41.60 22.99
N UNK A 114 -8.67 -41.47 22.43
CA UNK A 114 -9.89 -42.02 23.00
C UNK A 114 -10.43 -43.07 22.04
N UNK A 115 -10.65 -44.29 22.56
CA UNK A 115 -11.16 -45.37 21.73
C UNK A 115 -12.58 -45.07 21.28
N UNK A 116 -12.85 -45.29 19.99
CA UNK A 116 -14.15 -45.01 19.38
C UNK A 116 -14.67 -46.31 18.76
N UNK A 117 -15.47 -47.05 19.52
CA UNK A 117 -16.01 -48.32 19.05
C UNK A 117 -17.07 -48.09 17.98
N UNK B 1 1.42 -46.92 -2.58
CA UNK B 1 2.80 -47.05 -2.14
C UNK B 1 2.86 -47.70 -0.77
N UNK B 2 2.83 -49.03 -0.74
CA UNK B 2 2.90 -49.78 0.50
C UNK B 2 4.33 -49.82 1.01
N UNK B 3 4.47 -50.13 2.31
CA UNK B 3 5.75 -50.24 2.99
C UNK B 3 5.84 -51.64 3.59
N UNK B 4 6.30 -52.59 2.78
CA UNK B 4 6.43 -53.97 3.23
C UNK B 4 7.62 -54.11 4.15
N UNK B 5 7.41 -54.78 5.29
CA UNK B 5 8.45 -55.02 6.27
C UNK B 5 8.92 -56.47 6.15
N UNK B 6 10.19 -56.66 5.77
CA UNK B 6 10.71 -58.00 5.59
C UNK B 6 10.81 -58.74 6.92
N UNK B 7 11.40 -58.10 7.93
CA UNK B 7 11.60 -58.69 9.25
C UNK B 7 10.52 -58.19 10.19
N UNK B 8 9.84 -59.13 10.86
CA UNK B 8 8.75 -58.80 11.76
C UNK B 8 8.74 -59.78 12.93
N UNK B 9 8.39 -59.27 14.10
CA UNK B 9 8.26 -60.06 15.32
C UNK B 9 9.58 -60.74 15.69
N UNK B 10 10.64 -59.95 15.74
CA UNK B 10 11.94 -60.48 16.11
C UNK B 10 11.95 -60.91 17.57
N UNK B 11 12.59 -62.05 17.83
CA UNK B 11 12.72 -62.61 19.18
C UNK B 11 14.15 -62.49 19.71
N UNK B 12 14.90 -61.52 19.23
CA UNK B 12 16.29 -61.34 19.64
C UNK B 12 16.30 -60.70 21.03
N UNK B 13 16.39 -61.55 22.05
CA UNK B 13 16.39 -61.09 23.43
C UNK B 13 17.77 -60.67 23.93
N UNK B 14 18.80 -60.74 23.10
CA UNK B 14 20.13 -60.34 23.52
C UNK B 14 20.17 -58.84 23.76
N UNK B 15 21.15 -58.42 24.56
CA UNK B 15 21.29 -57.02 24.97
C UNK B 15 22.13 -56.19 24.00
N UNK B 16 22.20 -56.58 22.74
CA UNK B 16 22.94 -55.83 21.73
C UNK B 16 22.59 -56.37 20.36
N UNK B 17 22.96 -55.60 19.34
CA UNK B 17 22.86 -56.03 17.94
C UNK B 17 21.43 -56.34 17.51
N UNK B 18 20.47 -55.59 18.05
CA UNK B 18 19.10 -55.69 17.56
C UNK B 18 18.99 -55.05 16.20
N UNK B 19 18.31 -55.73 15.27
CA UNK B 19 18.25 -55.32 13.86
C UNK B 19 16.81 -55.39 13.37
N UNK B 20 16.51 -54.56 12.37
CA UNK B 20 15.21 -54.52 11.74
C UNK B 20 15.31 -53.67 10.48
N UNK B 21 14.56 -54.06 9.44
CA UNK B 21 14.65 -53.37 8.16
C UNK B 21 13.35 -53.60 7.40
N UNK B 22 13.18 -52.83 6.32
CA UNK B 22 12.00 -52.92 5.48
C UNK B 22 12.36 -52.39 4.10
N UNK B 23 11.51 -52.73 3.13
CA UNK B 23 11.65 -52.29 1.75
C UNK B 23 10.30 -51.79 1.25
N UNK B 24 10.30 -50.59 0.68
CA UNK B 24 9.06 -49.98 0.22
C UNK B 24 8.57 -50.66 -1.05
N UNK B 25 7.30 -50.40 -1.37
CA UNK B 25 6.68 -50.92 -2.59
C UNK B 25 6.88 -50.03 -3.80
N UNK B 26 7.57 -48.90 -3.66
CA UNK B 26 7.79 -47.98 -4.77
C UNK B 26 9.14 -47.30 -4.58
N UNK B 27 9.64 -46.73 -5.67
CA UNK B 27 10.96 -46.07 -5.67
C UNK B 27 10.83 -44.71 -5.00
N UNK B 28 10.99 -44.69 -3.68
CA UNK B 28 11.03 -43.45 -2.93
C UNK B 28 12.37 -42.76 -3.14
N UNK B 29 12.52 -41.56 -2.57
CA UNK B 29 13.76 -40.78 -2.65
C UNK B 29 14.08 -40.23 -1.27
N UNK B 30 14.76 -41.05 -0.47
CA UNK B 30 15.28 -40.64 0.85
C UNK B 30 14.17 -40.07 1.75
N UNK B 31 13.01 -40.70 1.72
CA UNK B 31 11.83 -40.27 2.47
C UNK B 31 11.32 -41.45 3.29
N UNK B 32 11.73 -41.52 4.56
CA UNK B 32 11.29 -42.57 5.45
C UNK B 32 11.45 -42.11 6.88
N UNK B 33 10.72 -42.76 7.78
CA UNK B 33 10.80 -42.47 9.21
C UNK B 33 10.46 -43.75 9.97
N UNK B 34 11.06 -43.87 11.16
CA UNK B 34 10.86 -45.03 12.03
C UNK B 34 10.42 -44.55 13.39
N UNK B 35 9.23 -45.00 13.82
CA UNK B 35 8.60 -44.58 15.06
C UNK B 35 8.56 -45.76 16.02
N UNK B 36 9.08 -45.57 17.23
CA UNK B 36 9.10 -46.60 18.26
C UNK B 36 7.94 -46.35 19.21
N UNK B 37 6.94 -47.23 19.16
CA UNK B 37 5.73 -47.10 19.95
C UNK B 37 5.69 -48.17 21.03
N UNK B 38 5.53 -47.73 22.28
CA UNK B 38 5.34 -48.62 23.41
C UNK B 38 3.98 -49.28 23.31
N UNK B 39 3.85 -50.43 23.96
CA UNK B 39 2.59 -51.15 23.95
C UNK B 39 1.54 -50.36 24.71
N UNK B 40 0.38 -50.14 24.08
CA UNK B 40 -0.75 -49.43 24.68
C UNK B 40 -0.36 -48.01 25.11
N UNK B 41 0.15 -47.24 24.15
CA UNK B 41 0.55 -45.85 24.41
C UNK B 41 0.78 -45.18 23.06
N UNK B 42 1.17 -43.91 23.11
CA UNK B 42 1.42 -43.15 21.90
C UNK B 42 2.74 -43.60 21.26
N UNK B 43 3.03 -43.03 20.10
CA UNK B 43 4.24 -43.33 19.35
C UNK B 43 5.25 -42.20 19.48
N UNK B 44 6.53 -42.55 19.39
CA UNK B 44 7.64 -41.61 19.47
C UNK B 44 8.51 -41.75 18.23
N UNK B 45 8.86 -40.63 17.62
CA UNK B 45 9.63 -40.64 16.38
C UNK B 45 11.08 -40.99 16.67
N UNK B 46 11.43 -42.28 16.54
CA UNK B 46 12.80 -42.71 16.82
C UNK B 46 13.79 -42.10 15.84
N UNK B 47 13.43 -42.07 14.54
CA UNK B 47 14.33 -41.54 13.52
C UNK B 47 13.50 -40.90 12.43
N UNK B 48 13.93 -39.71 12.00
CA UNK B 48 13.27 -38.92 10.97
C UNK B 48 14.23 -38.66 9.83
N UNK B 49 13.66 -38.46 8.64
CA UNK B 49 14.38 -38.22 7.38
C UNK B 49 15.17 -39.42 6.89
N UNK B 50 15.00 -40.60 7.49
CA UNK B 50 15.59 -41.87 7.10
C UNK B 50 17.09 -41.98 7.41
N UNK B 51 17.73 -40.92 7.94
CA UNK B 51 19.12 -40.99 8.37
C UNK B 51 19.34 -40.24 9.69
N UNK B 52 18.67 -39.11 9.86
CA UNK B 52 18.86 -38.28 11.04
C UNK B 52 18.10 -38.88 12.23
N UNK B 53 18.12 -38.15 13.35
CA UNK B 53 17.40 -38.55 14.56
C UNK B 53 16.73 -37.31 15.14
N UNK B 54 15.64 -37.55 15.89
CA UNK B 54 14.88 -36.46 16.47
C UNK B 54 15.60 -35.75 17.62
N UNK B 55 16.73 -36.31 18.11
CA UNK B 55 17.56 -35.84 19.22
C UNK B 55 16.94 -36.19 20.58
N UNK B 56 15.71 -36.72 20.63
CA UNK B 56 15.14 -37.21 21.88
C UNK B 56 15.54 -38.66 22.14
N UNK B 57 15.61 -39.47 21.09
CA UNK B 57 16.04 -40.85 21.24
C UNK B 57 17.55 -40.91 21.46
N UNK B 58 17.99 -42.00 22.09
CA UNK B 58 19.41 -42.19 22.37
C UNK B 58 20.17 -42.47 21.07
N UNK B 59 21.49 -42.50 21.19
CA UNK B 59 22.35 -42.82 20.05
C UNK B 59 22.32 -44.30 19.68
N UNK B 60 21.68 -45.15 20.48
CA UNK B 60 21.63 -46.58 20.17
C UNK B 60 20.89 -46.86 18.86
N UNK B 61 19.93 -46.03 18.50
CA UNK B 61 19.14 -46.22 17.28
C UNK B 61 19.90 -45.69 16.07
N UNK B 62 21.03 -46.34 15.78
CA UNK B 62 21.90 -45.97 14.67
C UNK B 62 21.32 -46.54 13.38
N UNK B 63 20.45 -45.76 12.75
CA UNK B 63 19.72 -46.18 11.57
C UNK B 63 20.32 -45.58 10.31
N UNK B 64 20.23 -46.33 9.21
CA UNK B 64 20.65 -45.86 7.90
C UNK B 64 19.75 -46.48 6.86
N UNK B 65 19.59 -45.78 5.73
CA UNK B 65 18.65 -46.20 4.71
C UNK B 65 19.11 -45.62 3.36
N UNK B 66 18.33 -45.91 2.33
CA UNK B 66 18.61 -45.45 0.97
C UNK B 66 17.27 -45.12 0.32
N UNK B 67 17.28 -44.98 -1.02
CA UNK B 67 16.05 -44.72 -1.75
C UNK B 67 15.04 -45.84 -1.56
N UNK B 68 15.52 -47.09 -1.49
CA UNK B 68 14.69 -48.24 -1.19
C UNK B 68 15.46 -49.16 -0.26
N UNK B 69 14.74 -50.10 0.36
CA UNK B 69 15.32 -51.05 1.30
C UNK B 69 15.97 -50.32 2.48
N UNK B 70 15.14 -49.60 3.23
CA UNK B 70 15.61 -48.88 4.39
C UNK B 70 15.95 -49.87 5.52
N UNK B 71 16.63 -49.36 6.53
CA UNK B 71 17.07 -50.18 7.65
C UNK B 71 17.16 -49.32 8.91
N UNK B 72 17.11 -49.99 10.06
CA UNK B 72 17.27 -49.32 11.35
C UNK B 72 17.93 -50.32 12.31
N UNK B 73 19.25 -50.26 12.40
CA UNK B 73 20.03 -51.18 13.21
C UNK B 73 20.21 -50.57 14.60
N UNK B 74 19.51 -51.12 15.58
CA UNK B 74 19.59 -50.62 16.95
C UNK B 74 20.83 -51.20 17.62
N UNK B 75 21.98 -50.59 17.32
CA UNK B 75 23.23 -51.00 17.93
C UNK B 75 23.28 -50.52 19.38
N UNK B 76 24.08 -51.22 20.19
CA UNK B 76 24.16 -50.98 21.63
C UNK B 76 22.78 -51.06 22.27
N UNK B 77 22.02 -52.08 21.88
CA UNK B 77 20.61 -52.18 22.26
C UNK B 77 20.46 -52.38 23.76
N UNK B 78 19.33 -51.92 24.28
CA UNK B 78 18.91 -52.15 25.65
C UNK B 78 17.68 -53.05 25.61
N UNK B 79 17.74 -54.18 26.32
CA UNK B 79 16.60 -55.08 26.36
C UNK B 79 15.38 -54.44 27.00
N UNK B 80 15.60 -53.51 27.93
CA UNK B 80 14.47 -52.78 28.52
C UNK B 80 13.77 -51.94 27.48
N UNK B 81 14.54 -51.27 26.61
CA UNK B 81 14.00 -50.37 25.59
C UNK B 81 13.74 -51.15 24.32
N UNK B 82 12.55 -51.74 24.21
CA UNK B 82 12.14 -52.47 23.03
C UNK B 82 10.63 -52.47 22.96
N UNK B 83 10.07 -52.16 21.80
CA UNK B 83 8.62 -52.09 21.64
C UNK B 83 8.29 -52.17 20.15
N UNK B 84 7.00 -52.02 19.83
CA UNK B 84 6.53 -52.24 18.46
C UNK B 84 6.92 -51.07 17.57
N UNK B 85 8.19 -51.06 17.16
CA UNK B 85 8.64 -50.08 16.18
C UNK B 85 7.98 -50.32 14.83
N UNK B 86 7.66 -49.24 14.12
CA UNK B 86 6.98 -49.27 12.84
C UNK B 86 7.56 -48.22 11.91
N UNK B 87 7.68 -48.56 10.63
CA UNK B 87 8.25 -47.68 9.62
C UNK B 87 7.14 -47.07 8.80
N UNK B 88 7.21 -45.75 8.58
CA UNK B 88 6.24 -45.02 7.78
C UNK B 88 6.97 -44.03 6.89
N UNK B 89 6.51 -43.91 5.65
CA UNK B 89 7.12 -43.01 4.67
C UNK B 89 6.51 -41.63 4.81
N UNK B 90 7.36 -40.62 5.04
CA UNK B 90 6.91 -39.24 5.18
C UNK B 90 6.85 -38.61 3.80
N UNK B 91 5.66 -38.54 3.23
CA UNK B 91 5.45 -37.93 1.92
C UNK B 91 4.05 -37.38 1.85
N UNK B 92 3.85 -36.43 0.92
CA UNK B 92 2.57 -35.75 0.73
C UNK B 92 1.76 -36.34 -0.41
N UNK B 93 2.14 -37.50 -0.95
CA UNK B 93 1.43 -38.11 -2.06
C UNK B 93 0.20 -38.86 -1.54
N UNK B 94 -0.53 -39.47 -2.47
CA UNK B 94 -1.69 -40.31 -2.16
C UNK B 94 -1.28 -41.77 -2.24
N UNK B 95 -1.50 -42.51 -1.16
CA UNK B 95 -1.07 -43.91 -1.10
C UNK B 95 -1.86 -44.60 0.02
N UNK B 96 -1.54 -45.87 0.24
CA UNK B 96 -2.19 -46.67 1.27
C UNK B 96 -1.57 -46.33 2.62
N UNK B 97 -1.86 -47.14 3.64
CA UNK B 97 -1.36 -46.90 4.99
C UNK B 97 0.17 -46.95 5.02
N UNK B 98 0.80 -45.79 5.25
CA UNK B 98 2.25 -45.72 5.23
C UNK B 98 2.87 -46.54 6.36
N UNK B 99 2.23 -46.56 7.52
CA UNK B 99 2.78 -47.26 8.68
C UNK B 99 2.53 -48.76 8.57
N UNK B 100 3.57 -49.54 8.82
CA UNK B 100 3.50 -50.99 8.90
C UNK B 100 4.21 -51.45 10.17
N UNK B 101 3.51 -52.23 10.99
CA UNK B 101 4.01 -52.62 12.30
C UNK B 101 4.82 -53.92 12.16
N UNK B 102 6.12 -53.83 12.43
CA UNK B 102 6.99 -55.00 12.35
C UNK B 102 8.21 -54.74 13.24
N UNK B 103 8.22 -55.35 14.42
CA UNK B 103 9.33 -55.18 15.36
C UNK B 103 9.15 -56.18 16.50
N UNK B 104 10.16 -56.24 17.36
CA UNK B 104 10.12 -57.08 18.54
C UNK B 104 9.22 -56.48 19.60
N SER C 60 -0.63 -0.24 -46.71
CA SER C 60 -0.79 0.77 -45.66
C SER C 60 0.51 0.90 -44.86
N LEU C 61 1.57 1.32 -45.54
CA LEU C 61 2.89 1.48 -44.95
C LEU C 61 3.15 2.96 -44.73
N TYR C 62 3.40 3.35 -43.48
CA TYR C 62 3.71 4.75 -43.18
C TYR C 62 5.18 5.06 -43.46
N LYS C 63 6.09 4.39 -42.75
CA LYS C 63 7.53 4.64 -42.82
C LYS C 63 8.25 3.33 -43.11
N GLY C 64 8.74 3.19 -44.33
CA GLY C 64 9.47 1.98 -44.71
C GLY C 64 8.59 0.75 -44.68
N VAL C 65 8.96 -0.19 -43.81
CA VAL C 65 8.32 -1.50 -43.71
C VAL C 65 7.49 -1.61 -42.44
N TYR C 66 6.99 -0.47 -41.94
CA TYR C 66 6.19 -0.41 -40.73
C TYR C 66 4.80 0.09 -41.11
N GLU C 67 3.78 -0.67 -40.73
CA GLU C 67 2.39 -0.42 -41.12
C GLU C 67 1.54 -0.06 -39.91
N LEU C 68 0.56 0.81 -40.14
CA LEU C 68 -0.35 1.24 -39.09
C LEU C 68 -1.42 0.18 -38.86
N GLN C 69 -1.45 -0.37 -37.64
CA GLN C 69 -2.48 -1.30 -37.22
C GLN C 69 -2.96 -0.90 -35.84
N THR C 70 -4.24 -1.15 -35.58
CA THR C 70 -4.92 -0.66 -34.39
C THR C 70 -5.71 -1.77 -33.73
N LEU C 71 -5.79 -1.68 -32.40
CA LEU C 71 -6.64 -2.53 -31.59
C LEU C 71 -7.40 -1.66 -30.61
N GLU C 72 -8.64 -2.03 -30.33
CA GLU C 72 -9.49 -1.33 -29.37
C GLU C 72 -9.92 -2.33 -28.30
N LEU C 73 -9.94 -1.87 -27.05
CA LEU C 73 -10.14 -2.76 -25.92
C LEU C 73 -11.63 -2.94 -25.62
N ASN C 74 -12.02 -4.20 -25.39
CA ASN C 74 -13.30 -4.43 -24.74
C ASN C 74 -13.23 -3.87 -23.32
N MET C 75 -14.40 -3.47 -22.81
CA MET C 75 -14.47 -2.88 -21.48
C MET C 75 -15.56 -3.55 -20.66
N GLU C 76 -16.58 -4.11 -21.33
CA GLU C 76 -17.56 -4.94 -20.65
C GLU C 76 -16.92 -6.19 -20.07
N THR C 77 -15.80 -6.65 -20.65
CA THR C 77 -15.04 -7.75 -20.05
C THR C 77 -14.51 -7.41 -18.66
N LEU C 78 -14.38 -6.13 -18.34
CA LEU C 78 -13.95 -5.66 -17.03
C LEU C 78 -15.13 -5.44 -16.07
N ASN C 79 -16.29 -6.05 -16.37
CA ASN C 79 -17.52 -5.82 -15.60
C ASN C 79 -17.38 -6.20 -14.13
N MET C 80 -16.73 -7.33 -13.84
CA MET C 80 -16.87 -7.97 -12.53
C MET C 80 -16.30 -7.10 -11.40
N THR C 81 -15.13 -6.50 -11.61
CA THR C 81 -14.39 -6.00 -10.46
C THR C 81 -14.91 -4.64 -9.98
N MET C 82 -14.83 -3.60 -10.82
CA MET C 82 -15.09 -2.21 -10.42
C MET C 82 -16.26 -1.64 -11.22
N PRO C 83 -16.80 -0.49 -10.84
CA PRO C 83 -17.92 0.08 -11.60
C PRO C 83 -17.52 0.51 -12.99
N LEU C 84 -18.50 0.46 -13.91
CA LEU C 84 -18.34 0.90 -15.30
C LEU C 84 -19.37 1.97 -15.60
N SER C 85 -18.94 3.03 -16.29
CA SER C 85 -19.74 4.24 -16.48
C SER C 85 -20.09 4.44 -17.96
N CYS C 86 -21.36 4.76 -18.22
CA CYS C 86 -21.87 5.10 -19.54
C CYS C 86 -22.55 6.47 -19.50
N THR C 87 -23.07 6.89 -20.66
CA THR C 87 -23.76 8.17 -20.85
C THR C 87 -25.22 8.04 -21.27
N LYS C 88 -25.52 7.21 -22.27
CA LYS C 88 -26.82 7.21 -22.94
C LYS C 88 -27.11 8.60 -23.53
N ASN C 89 -28.06 9.36 -22.99
CA ASN C 89 -28.51 10.57 -23.66
C ASN C 89 -27.51 11.70 -23.40
N ASN C 90 -27.90 12.93 -23.71
CA ASN C 90 -27.08 14.07 -23.31
C ASN C 90 -27.11 14.30 -21.80
N SER C 91 -28.28 14.14 -21.18
CA SER C 91 -28.46 14.49 -19.77
C SER C 91 -28.04 13.36 -18.84
N HIS C 92 -28.72 12.22 -18.94
CA HIS C 92 -28.42 11.04 -18.14
C HIS C 92 -26.95 10.64 -18.25
N HIS C 93 -26.46 10.01 -17.20
CA HIS C 93 -25.18 9.30 -17.18
C HIS C 93 -25.35 8.20 -16.14
N TYR C 94 -24.72 7.07 -16.37
CA TYR C 94 -25.07 5.82 -15.70
C TYR C 94 -23.82 5.14 -15.19
N ILE C 95 -23.98 4.34 -14.14
CA ILE C 95 -22.93 3.52 -13.57
C ILE C 95 -23.53 2.15 -13.33
N MET C 96 -22.73 1.10 -13.55
CA MET C 96 -23.11 -0.26 -13.20
C MET C 96 -22.04 -0.86 -12.31
N VAL C 97 -22.46 -1.44 -11.19
CA VAL C 97 -21.58 -2.19 -10.29
C VAL C 97 -21.83 -3.65 -10.61
N GLY C 98 -21.04 -4.18 -11.55
CA GLY C 98 -21.30 -5.51 -12.05
C GLY C 98 -22.49 -5.50 -13.00
N ASN C 99 -23.06 -6.69 -13.20
CA ASN C 99 -24.16 -6.89 -14.13
C ASN C 99 -25.53 -6.89 -13.47
N GLU C 100 -25.61 -6.65 -12.15
CA GLU C 100 -26.87 -6.76 -11.40
C GLU C 100 -27.51 -5.41 -11.12
N THR C 101 -26.75 -4.46 -10.55
CA THR C 101 -27.29 -3.21 -10.06
C THR C 101 -26.35 -2.07 -10.45
N GLY C 102 -26.83 -0.85 -10.25
CA GLY C 102 -26.02 0.30 -10.59
C GLY C 102 -26.62 1.59 -10.09
N LEU C 103 -25.98 2.69 -10.46
CA LEU C 103 -26.39 4.04 -10.08
C LEU C 103 -26.84 4.81 -11.33
N GLU C 104 -27.78 5.73 -11.12
CA GLU C 104 -28.55 6.35 -12.19
C GLU C 104 -28.40 7.86 -12.03
N LEU C 105 -27.29 8.42 -12.52
CA LEU C 105 -27.01 9.83 -12.32
C LEU C 105 -27.78 10.63 -13.37
N THR C 106 -28.85 11.28 -12.93
CA THR C 106 -29.75 12.02 -13.80
C THR C 106 -29.65 13.51 -13.51
N LEU C 107 -29.78 14.32 -14.55
CA LEU C 107 -29.96 15.77 -14.44
C LEU C 107 -31.34 16.11 -14.98
N THR C 108 -32.11 16.88 -14.21
CA THR C 108 -33.47 17.18 -14.64
C THR C 108 -33.99 18.39 -13.89
N ASN C 109 -35.11 18.90 -14.39
CA ASN C 109 -35.82 20.01 -13.74
C ASN C 109 -36.66 19.56 -12.56
N THR C 110 -37.18 18.33 -12.59
CA THR C 110 -38.13 17.88 -11.58
C THR C 110 -37.41 17.34 -10.35
N SER C 111 -37.92 17.70 -9.17
CA SER C 111 -37.37 17.28 -7.90
C SER C 111 -38.19 16.11 -7.37
N ILE C 112 -37.59 14.91 -7.34
CA ILE C 112 -38.34 13.74 -6.92
C ILE C 112 -38.59 13.76 -5.40
N ILE C 113 -37.64 14.28 -4.62
CA ILE C 113 -37.79 14.43 -3.17
C ILE C 113 -37.72 15.91 -2.82
N ASN C 114 -38.54 16.30 -1.84
CA ASN C 114 -38.72 17.69 -1.46
C ASN C 114 -38.06 18.04 -0.14
N HIS C 115 -38.11 17.16 0.84
CA HIS C 115 -37.59 17.50 2.16
C HIS C 115 -36.07 17.63 2.13
N LYS C 116 -35.57 18.56 2.94
CA LYS C 116 -34.15 18.88 2.97
C LYS C 116 -33.35 17.99 3.91
N PHE C 117 -33.99 17.14 4.70
CA PHE C 117 -33.27 16.34 5.67
C PHE C 117 -32.45 15.25 4.97
N CYS C 118 -31.42 14.79 5.67
CA CYS C 118 -30.58 13.67 5.21
C CYS C 118 -30.22 12.85 6.45
N ASN C 119 -31.06 11.86 6.75
CA ASN C 119 -30.84 11.01 7.93
C ASN C 119 -29.80 9.96 7.54
N LEU C 120 -28.54 10.38 7.63
CA LEU C 120 -27.42 9.58 7.15
C LEU C 120 -26.96 8.58 8.21
N SER C 121 -26.84 9.03 9.46
CA SER C 121 -26.47 8.13 10.54
C SER C 121 -27.53 7.06 10.75
N ASP C 122 -28.82 7.43 10.63
CA ASP C 122 -29.87 6.43 10.73
C ASP C 122 -29.77 5.41 9.60
N ALA C 123 -29.43 5.89 8.39
CA ALA C 123 -29.25 4.98 7.26
C ALA C 123 -28.11 4.01 7.51
N HIS C 124 -27.02 4.49 8.11
CA HIS C 124 -25.96 3.57 8.53
C HIS C 124 -26.48 2.58 9.56
N LYS C 125 -27.31 3.06 10.50
CA LYS C 125 -27.76 2.22 11.60
C LYS C 125 -28.61 1.06 11.12
N LYS C 126 -29.60 1.34 10.26
CA LYS C 126 -30.49 0.28 9.82
C LYS C 126 -29.79 -0.73 8.93
N ASN C 127 -28.83 -0.28 8.12
CA ASN C 127 -28.00 -1.18 7.32
C ASN C 127 -28.80 -1.96 6.28
N LEU C 128 -29.88 -1.37 5.76
CA LEU C 128 -30.69 -1.98 4.73
C LEU C 128 -30.20 -1.64 3.32
N TYR C 129 -29.00 -1.07 3.19
CA TYR C 129 -28.48 -0.60 1.91
C TYR C 129 -27.55 -1.65 1.29
N ASP C 130 -27.09 -1.35 0.08
CA ASP C 130 -26.05 -2.11 -0.60
C ASP C 130 -24.74 -1.34 -0.46
N HIS C 131 -23.69 -2.03 0.00
CA HIS C 131 -22.49 -1.35 0.46
C HIS C 131 -21.77 -0.63 -0.68
N ALA C 132 -21.63 -1.29 -1.83
CA ALA C 132 -20.89 -0.70 -2.94
C ALA C 132 -21.56 0.58 -3.44
N LEU C 133 -22.89 0.59 -3.49
CA LEU C 133 -23.60 1.75 -4.03
C LEU C 133 -23.38 2.98 -3.17
N MET C 134 -23.57 2.85 -1.85
CA MET C 134 -23.38 4.04 -1.04
C MET C 134 -21.90 4.38 -0.94
N SER C 135 -21.00 3.39 -1.10
CA SER C 135 -19.58 3.72 -1.21
C SER C 135 -19.31 4.61 -2.42
N ILE C 136 -19.97 4.32 -3.55
CA ILE C 136 -19.80 5.16 -4.73
C ILE C 136 -20.30 6.58 -4.46
N ILE C 137 -21.48 6.71 -3.83
CA ILE C 137 -21.96 8.09 -3.62
C ILE C 137 -21.09 8.79 -2.57
N SER C 138 -20.51 8.05 -1.62
CA SER C 138 -19.62 8.68 -0.66
C SER C 138 -18.37 9.21 -1.34
N THR C 139 -17.83 8.44 -2.29
CA THR C 139 -16.73 8.95 -3.10
C THR C 139 -17.17 10.18 -3.89
N PHE C 140 -18.41 10.17 -4.38
CA PHE C 140 -18.91 11.31 -5.13
C PHE C 140 -19.01 12.57 -4.26
N HIS C 141 -19.65 12.45 -3.09
CA HIS C 141 -19.87 13.60 -2.23
C HIS C 141 -18.59 14.11 -1.60
N LEU C 142 -17.71 13.21 -1.15
CA LEU C 142 -16.46 13.65 -0.55
C LEU C 142 -15.59 14.37 -1.56
N SER C 143 -15.66 13.97 -2.82
CA SER C 143 -14.83 14.51 -3.89
C SER C 143 -15.34 15.81 -4.47
N ILE C 144 -16.37 16.42 -3.89
CA ILE C 144 -16.73 17.78 -4.34
C ILE C 144 -15.55 18.69 -3.98
N PRO C 145 -15.17 19.68 -4.82
CA PRO C 145 -14.09 20.57 -4.40
C PRO C 145 -14.40 21.38 -3.15
N ASN C 146 -15.46 22.18 -3.16
CA ASN C 146 -15.76 23.08 -2.04
C ASN C 146 -17.27 23.02 -1.82
N PHE C 147 -17.69 22.15 -0.91
CA PHE C 147 -19.09 21.99 -0.55
C PHE C 147 -19.34 22.74 0.75
N ASN C 148 -19.76 23.98 0.63
CA ASN C 148 -20.03 24.86 1.76
C ASN C 148 -21.52 24.96 2.10
N GLN C 149 -22.38 25.09 1.10
CA GLN C 149 -23.83 25.14 1.33
C GLN C 149 -24.33 23.75 1.70
N TYR C 150 -24.39 23.45 3.01
CA TYR C 150 -24.73 22.11 3.45
C TYR C 150 -26.14 21.69 3.09
N GLU C 151 -27.05 22.63 2.88
CA GLU C 151 -28.45 22.32 2.61
C GLU C 151 -28.72 22.00 1.15
N ALA C 152 -27.71 22.04 0.28
CA ALA C 152 -27.94 21.75 -1.13
C ALA C 152 -28.28 20.29 -1.37
N MET C 153 -27.81 19.38 -0.51
CA MET C 153 -28.10 17.96 -0.66
C MET C 153 -29.44 17.59 -0.05
N SER C 154 -29.96 16.46 -0.50
CA SER C 154 -31.15 15.85 0.08
C SER C 154 -31.04 14.35 -0.19
N CYS C 155 -30.98 13.55 0.88
CA CYS C 155 -30.62 12.15 0.76
C CYS C 155 -31.83 11.23 0.63
N ASP C 156 -32.70 11.22 1.63
CA ASP C 156 -33.89 10.38 1.67
C ASP C 156 -33.51 8.90 1.56
N PHE C 157 -32.77 8.43 2.57
CA PHE C 157 -32.52 7.00 2.74
C PHE C 157 -33.71 6.38 3.46
N ASN C 158 -34.25 5.29 2.91
CA ASN C 158 -35.34 4.59 3.57
C ASN C 158 -35.45 3.20 2.96
N GLY C 159 -35.19 2.18 3.77
CA GLY C 159 -35.27 0.81 3.29
C GLY C 159 -34.30 0.49 2.18
N GLY C 160 -33.08 1.02 2.28
CA GLY C 160 -32.06 0.77 1.28
C GLY C 160 -32.10 1.67 0.06
N LYS C 161 -33.11 2.53 -0.06
CA LYS C 161 -33.17 3.44 -1.20
C LYS C 161 -32.07 4.48 -1.07
N ILE C 162 -31.49 4.87 -2.21
CA ILE C 162 -30.32 5.73 -2.26
C ILE C 162 -30.69 6.98 -3.08
N SER C 163 -31.95 7.40 -3.00
CA SER C 163 -32.46 8.45 -3.88
C SER C 163 -31.98 9.81 -3.41
N VAL C 164 -30.67 10.03 -3.56
CA VAL C 164 -30.02 11.27 -3.15
C VAL C 164 -30.23 12.33 -4.21
N GLN C 165 -30.28 13.59 -3.78
CA GLN C 165 -30.47 14.73 -4.65
C GLN C 165 -29.45 15.82 -4.32
N TYR C 166 -29.06 16.56 -5.34
CA TYR C 166 -28.22 17.74 -5.23
C TYR C 166 -28.95 18.91 -5.90
N ASN C 167 -29.13 19.99 -5.16
CA ASN C 167 -29.69 21.21 -5.71
C ASN C 167 -28.62 21.97 -6.48
N LEU C 168 -29.02 22.59 -7.59
CA LEU C 168 -28.13 23.35 -8.45
C LEU C 168 -28.64 24.77 -8.65
N SER C 169 -29.19 25.36 -7.59
CA SER C 169 -29.69 26.72 -7.63
C SER C 169 -29.64 27.37 -6.26
N HIS C 179 -19.95 36.52 -10.12
CA HIS C 179 -21.31 36.22 -10.58
C HIS C 179 -21.62 34.74 -10.31
N CYS C 180 -20.74 33.87 -10.79
CA CYS C 180 -20.88 32.42 -10.71
C CYS C 180 -19.72 31.83 -9.93
N GLY C 181 -19.75 30.50 -9.76
CA GLY C 181 -18.78 29.77 -8.96
C GLY C 181 -19.38 29.25 -7.67
N THR C 182 -20.63 28.78 -7.75
CA THR C 182 -21.37 28.31 -6.59
C THR C 182 -21.12 26.83 -6.39
N VAL C 183 -21.91 26.20 -5.51
CA VAL C 183 -21.78 24.76 -5.27
C VAL C 183 -22.11 23.96 -6.53
N ALA C 184 -23.00 24.50 -7.37
CA ALA C 184 -23.34 23.83 -8.62
C ALA C 184 -22.11 23.65 -9.51
N ASN C 185 -21.17 24.58 -9.44
CA ASN C 185 -19.91 24.43 -10.16
C ASN C 185 -19.20 23.14 -9.74
N GLY C 186 -19.00 22.96 -8.44
CA GLY C 186 -18.30 21.77 -7.98
C GLY C 186 -19.07 20.50 -8.26
N VAL C 187 -20.41 20.55 -8.13
CA VAL C 187 -21.22 19.37 -8.41
C VAL C 187 -21.08 18.94 -9.86
N LEU C 188 -21.18 19.91 -10.79
CA LEU C 188 -21.01 19.55 -12.20
C LEU C 188 -19.58 19.14 -12.53
N GLN C 189 -18.60 19.70 -11.81
CA GLN C 189 -17.21 19.28 -12.02
C GLN C 189 -17.04 17.81 -11.67
N THR C 190 -17.51 17.42 -10.48
CA THR C 190 -17.42 16.03 -10.06
C THR C 190 -18.27 15.14 -10.95
N PHE C 191 -19.38 15.68 -11.47
CA PHE C 191 -20.19 14.91 -12.40
C PHE C 191 -19.40 14.59 -13.67
N MET C 192 -18.80 15.62 -14.27
CA MET C 192 -18.12 15.42 -15.54
C MET C 192 -16.88 14.54 -15.37
N ARG C 193 -16.24 14.58 -14.20
CA ARG C 193 -15.14 13.65 -13.96
C ARG C 193 -15.65 12.23 -13.71
N MET C 194 -16.85 12.08 -13.13
CA MET C 194 -17.39 10.75 -12.87
C MET C 194 -17.67 9.99 -14.17
N ALA C 195 -18.53 10.56 -15.02
CA ALA C 195 -18.91 9.96 -16.30
C ALA C 195 -18.17 10.75 -17.37
N TRP C 196 -16.96 10.29 -17.69
CA TRP C 196 -16.06 11.06 -18.54
C TRP C 196 -16.61 11.18 -19.96
N GLY C 197 -17.18 10.10 -20.49
CA GLY C 197 -17.70 10.12 -21.85
C GLY C 197 -19.02 10.84 -21.96
N GLY C 198 -19.08 11.88 -22.79
CA GLY C 198 -20.33 12.53 -23.10
C GLY C 198 -20.91 13.36 -21.98
N SER C 199 -20.07 13.91 -21.10
CA SER C 199 -20.59 14.87 -20.12
C SER C 199 -21.08 16.14 -20.81
N TYR C 200 -20.36 16.58 -21.84
CA TYR C 200 -20.77 17.71 -22.67
C TYR C 200 -22.15 17.49 -23.28
N CYS C 207 -15.58 25.04 -23.70
CA CYS C 207 -14.39 24.24 -23.40
C CYS C 207 -13.42 25.01 -22.49
N GLY C 208 -13.41 26.34 -22.63
CA GLY C 208 -12.55 27.17 -21.81
C GLY C 208 -13.03 27.37 -20.39
N ASN C 209 -14.32 27.20 -20.13
CA ASN C 209 -14.90 27.54 -18.84
C ASN C 209 -14.56 26.45 -17.82
N TRP C 210 -13.86 26.86 -16.76
CA TRP C 210 -13.47 25.98 -15.65
C TRP C 210 -13.92 26.52 -14.30
N ASP C 211 -13.94 27.84 -14.14
CA ASP C 211 -14.46 28.44 -12.93
C ASP C 211 -15.99 28.40 -12.86
N CYS C 212 -16.67 28.27 -14.00
CA CYS C 212 -18.13 28.34 -14.04
C CYS C 212 -18.62 27.39 -15.13
N ILE C 213 -18.99 26.17 -14.74
CA ILE C 213 -19.60 25.24 -15.68
C ILE C 213 -21.05 25.65 -15.94
N MET C 214 -21.88 25.61 -14.89
CA MET C 214 -23.24 26.16 -14.89
C MET C 214 -24.11 25.51 -15.98
N THR C 215 -24.29 24.20 -15.85
CA THR C 215 -25.18 23.49 -16.75
C THR C 215 -26.63 23.93 -16.51
N SER C 216 -27.41 23.97 -17.59
CA SER C 216 -28.75 24.54 -17.51
C SER C 216 -29.68 23.73 -16.61
N TYR C 217 -29.41 22.44 -16.44
CA TYR C 217 -30.30 21.60 -15.64
C TYR C 217 -30.27 22.03 -14.18
N GLN C 218 -31.41 21.85 -13.50
CA GLN C 218 -31.65 22.49 -12.22
C GLN C 218 -31.46 21.57 -11.02
N TYR C 219 -31.51 20.24 -11.19
CA TYR C 219 -31.27 19.32 -10.10
C TYR C 219 -30.50 18.11 -10.62
N LEU C 220 -29.68 17.53 -9.74
CA LEU C 220 -28.99 16.27 -10.00
C LEU C 220 -29.54 15.23 -9.03
N ILE C 221 -29.73 14.01 -9.51
CA ILE C 221 -30.33 12.93 -8.74
C ILE C 221 -29.48 11.68 -8.93
N ILE C 222 -29.32 10.92 -7.86
CA ILE C 222 -28.61 9.65 -7.84
C ILE C 222 -29.56 8.64 -7.22
N GLN C 223 -29.83 7.54 -7.93
CA GLN C 223 -30.64 6.48 -7.34
C GLN C 223 -30.18 5.13 -7.84
N ASN C 224 -30.40 4.11 -7.02
CA ASN C 224 -30.09 2.74 -7.41
C ASN C 224 -31.03 2.27 -8.51
N THR C 225 -30.52 1.41 -9.38
CA THR C 225 -31.29 0.90 -10.50
C THR C 225 -30.90 -0.54 -10.78
N THR C 226 -31.91 -1.40 -10.99
CA THR C 226 -31.65 -2.75 -11.47
C THR C 226 -31.01 -2.69 -12.84
N TRP C 227 -29.95 -3.47 -13.04
CA TRP C 227 -29.20 -3.35 -14.29
C TRP C 227 -29.95 -3.98 -15.46
N GLU C 228 -29.73 -3.41 -16.63
CA GLU C 228 -30.33 -3.78 -17.90
C GLU C 228 -29.40 -3.19 -18.96
N ASP C 229 -29.81 -3.20 -20.22
CA ASP C 229 -29.08 -2.49 -21.27
C ASP C 229 -29.36 -0.99 -21.24
N HIS C 230 -28.89 -0.32 -20.18
CA HIS C 230 -29.20 1.09 -20.03
C HIS C 230 -28.35 2.00 -20.91
N CYS C 231 -27.31 1.50 -21.57
CA CYS C 231 -26.43 2.36 -22.35
C CYS C 231 -26.00 1.70 -23.64
N GLN C 232 -26.19 2.44 -24.74
CA GLN C 232 -25.64 2.14 -26.04
C GLN C 232 -24.86 3.30 -26.64
N PHE C 233 -25.08 4.53 -26.19
CA PHE C 233 -24.44 5.69 -26.79
C PHE C 233 -22.93 5.71 -26.51
N SER C 234 -22.56 5.83 -25.25
CA SER C 234 -21.17 5.89 -24.84
C SER C 234 -20.73 4.53 -24.34
N ARG C 235 -19.52 4.14 -24.70
CA ARG C 235 -19.03 2.82 -24.35
C ARG C 235 -18.60 2.79 -22.88
N PRO C 236 -18.71 1.65 -22.20
CA PRO C 236 -18.39 1.63 -20.77
C PRO C 236 -16.92 1.82 -20.51
N SER C 237 -16.60 2.39 -19.34
CA SER C 237 -15.22 2.62 -18.96
C SER C 237 -15.12 2.93 -17.46
N PRO C 238 -14.19 2.34 -16.70
CA PRO C 238 -14.08 2.70 -15.27
C PRO C 238 -13.26 3.95 -15.00
N ILE C 239 -12.70 4.58 -16.03
CA ILE C 239 -11.59 5.50 -15.82
C ILE C 239 -12.04 6.73 -15.07
N GLY C 240 -13.29 7.16 -15.25
CA GLY C 240 -13.80 8.26 -14.47
C GLY C 240 -13.87 7.91 -12.99
N TYR C 241 -14.34 6.71 -12.68
CA TYR C 241 -14.44 6.33 -11.27
C TYR C 241 -13.07 6.15 -10.66
N LEU C 242 -12.10 5.58 -11.39
CA LEU C 242 -10.73 5.53 -10.87
C LEU C 242 -10.13 6.91 -10.73
N GLY C 243 -10.58 7.87 -11.54
CA GLY C 243 -10.11 9.23 -11.36
C GLY C 243 -10.64 9.81 -10.06
N LEU C 244 -11.96 9.76 -9.87
CA LEU C 244 -12.57 10.29 -8.67
C LEU C 244 -12.20 9.50 -7.42
N LEU C 245 -11.77 8.24 -7.57
CA LEU C 245 -11.34 7.45 -6.42
C LEU C 245 -10.19 8.17 -5.72
N SER C 246 -9.28 8.74 -6.50
CA SER C 246 -8.27 9.61 -5.95
C SER C 246 -8.95 10.96 -5.78
N GLN C 247 -8.36 11.83 -4.97
CA GLN C 247 -8.87 13.18 -4.75
C GLN C 247 -10.13 13.14 -3.87
N ARG C 248 -10.28 12.07 -3.09
CA ARG C 248 -11.44 11.92 -2.24
C ARG C 248 -11.51 13.02 -1.19
N THR C 249 -10.36 13.43 -0.62
CA THR C 249 -10.34 14.38 0.49
C THR C 249 -9.50 15.64 0.24
N ARG C 250 -9.33 16.06 -1.02
CA ARG C 250 -8.66 17.33 -1.32
C ARG C 250 -9.71 18.39 -1.64
N ASP C 251 -9.38 19.63 -1.25
CA ASP C 251 -10.17 20.86 -1.35
C ASP C 251 -11.31 20.93 -0.32
N ILE C 252 -11.55 19.89 0.48
CA ILE C 252 -12.71 19.91 1.37
C ILE C 252 -12.47 20.90 2.50
N TYR C 253 -13.50 21.69 2.80
CA TYR C 253 -13.41 22.72 3.83
C TYR C 253 -13.60 22.12 5.22
N ILE C 254 -12.88 22.67 6.19
CA ILE C 254 -13.08 22.29 7.59
C ILE C 254 -14.47 22.71 8.04
N SER C 255 -15.14 21.84 8.79
CA SER C 255 -16.46 22.09 9.34
C SER C 255 -16.46 22.11 10.87
N ARG C 256 -15.94 21.06 11.49
CA ARG C 256 -15.82 20.99 12.94
C ARG C 256 -14.47 21.57 13.34
N ARG C 257 -14.44 22.26 14.48
CA ARG C 257 -13.23 22.92 14.95
C ARG C 257 -12.11 21.90 15.19
N LEU C 258 -12.44 20.78 15.83
CA LEU C 258 -11.48 19.71 16.14
C LEU C 258 -11.94 18.43 15.43
N LEU C 259 -11.28 18.10 14.33
CA LEU C 259 -11.58 16.87 13.63
C LEU C 259 -11.16 15.68 14.48
N SER D 60 34.66 30.05 -12.74
CA SER D 60 34.56 28.64 -12.40
C SER D 60 35.11 27.77 -13.51
N LEU D 61 36.42 27.51 -13.47
CA LEU D 61 37.10 26.74 -14.49
C LEU D 61 37.19 25.29 -14.01
N TYR D 62 36.33 24.43 -14.57
CA TYR D 62 36.30 23.01 -14.27
C TYR D 62 36.60 22.25 -15.56
N LYS D 63 37.66 21.44 -15.53
CA LYS D 63 38.17 20.63 -16.64
C LYS D 63 38.76 21.46 -17.77
N GLY D 64 38.78 22.79 -17.68
CA GLY D 64 39.22 23.63 -18.76
C GLY D 64 38.26 23.72 -19.93
N VAL D 65 37.10 23.07 -19.87
CA VAL D 65 36.17 22.95 -20.99
C VAL D 65 34.79 23.47 -20.62
N TYR D 66 34.43 23.39 -19.33
CA TYR D 66 33.10 23.75 -18.84
C TYR D 66 33.17 24.96 -17.92
N GLU D 67 32.03 25.61 -17.77
CA GLU D 67 31.85 26.75 -16.88
C GLU D 67 30.52 26.62 -16.16
N LEU D 68 30.45 27.25 -14.99
CA LEU D 68 29.23 27.27 -14.18
C LEU D 68 28.46 28.56 -14.45
N GLN D 69 27.18 28.43 -14.72
CA GLN D 69 26.26 29.56 -14.86
C GLN D 69 25.08 29.31 -13.93
N THR D 70 24.90 30.18 -12.95
CA THR D 70 23.80 30.03 -12.02
C THR D 70 22.48 30.31 -12.72
N LEU D 71 21.40 29.83 -12.12
CA LEU D 71 20.05 29.99 -12.64
C LEU D 71 19.15 30.30 -11.45
N GLU D 72 18.98 31.59 -11.18
CA GLU D 72 18.08 32.07 -10.14
C GLU D 72 16.71 32.37 -10.75
N LEU D 73 15.70 31.61 -10.32
CA LEU D 73 14.37 31.67 -10.92
C LEU D 73 13.52 32.73 -10.24
N ASN D 74 12.99 33.67 -11.02
CA ASN D 74 11.93 34.52 -10.50
C ASN D 74 10.71 33.65 -10.26
N MET D 75 10.01 33.92 -9.16
CA MET D 75 8.90 33.09 -8.73
C MET D 75 7.58 33.85 -8.69
N GLU D 76 7.59 35.15 -8.95
CA GLU D 76 6.35 35.91 -9.07
C GLU D 76 5.55 35.56 -10.31
N THR D 77 6.16 34.88 -11.30
CA THR D 77 5.42 34.44 -12.47
C THR D 77 4.34 33.43 -12.12
N LEU D 78 4.49 32.70 -11.02
CA LEU D 78 3.53 31.70 -10.58
C LEU D 78 2.36 32.30 -9.79
N ASN D 79 2.25 33.63 -9.73
CA ASN D 79 1.28 34.30 -8.87
C ASN D 79 -0.16 33.92 -9.21
N MET D 80 -0.48 33.82 -10.51
CA MET D 80 -1.87 33.61 -10.90
C MET D 80 -2.36 32.19 -10.68
N THR D 81 -1.45 31.20 -10.71
CA THR D 81 -1.86 29.80 -10.77
C THR D 81 -1.90 29.13 -9.41
N MET D 82 -0.97 29.47 -8.49
CA MET D 82 -0.99 28.96 -7.11
C MET D 82 -0.55 30.02 -6.11
N PRO D 83 -0.78 29.84 -4.82
CA PRO D 83 -0.34 30.84 -3.83
C PRO D 83 1.17 30.95 -3.75
N LEU D 84 1.62 32.12 -3.29
CA LEU D 84 3.03 32.42 -3.10
C LEU D 84 3.27 32.80 -1.64
N SER D 85 4.36 32.28 -1.09
CA SER D 85 4.70 32.42 0.33
C SER D 85 5.88 33.37 0.49
N CYS D 86 5.73 34.34 1.39
CA CYS D 86 6.78 35.30 1.72
C CYS D 86 6.92 35.39 3.22
N THR D 87 8.05 35.96 3.67
CA THR D 87 8.33 36.17 5.09
C THR D 87 9.07 37.49 5.25
N LYS D 88 8.32 38.58 5.47
CA LYS D 88 8.92 39.89 5.67
C LYS D 88 9.71 39.96 6.98
N ASN D 89 9.00 39.88 8.11
CA ASN D 89 9.66 39.86 9.40
C ASN D 89 10.19 38.47 9.68
N ASN D 90 10.90 38.33 10.80
CA ASN D 90 11.22 37.00 11.29
C ASN D 90 9.95 36.20 11.58
N SER D 91 8.88 36.88 12.00
CA SER D 91 7.63 36.25 12.41
C SER D 91 6.56 36.29 11.32
N HIS D 92 6.27 37.46 10.77
CA HIS D 92 5.12 37.66 9.91
C HIS D 92 5.31 36.93 8.59
N HIS D 93 4.68 35.76 8.45
CA HIS D 93 4.57 35.12 7.16
C HIS D 93 3.39 35.71 6.38
N TYR D 94 3.45 35.57 5.06
CA TYR D 94 2.44 36.10 4.17
C TYR D 94 2.19 35.06 3.09
N ILE D 95 0.92 34.90 2.71
CA ILE D 95 0.52 33.94 1.68
C ILE D 95 -0.35 34.74 0.71
N MET D 96 0.26 35.25 -0.35
CA MET D 96 -0.45 35.99 -1.40
C MET D 96 -0.94 35.03 -2.47
N VAL D 97 -2.26 34.87 -2.56
CA VAL D 97 -2.85 34.10 -3.65
C VAL D 97 -2.66 34.81 -4.99
N GLY D 98 -2.73 36.14 -4.99
CA GLY D 98 -2.50 36.92 -6.19
C GLY D 98 -2.46 38.40 -5.86
N ASN D 99 -2.94 39.23 -6.80
CA ASN D 99 -3.20 40.62 -6.45
C ASN D 99 -4.42 40.76 -5.57
N GLU D 100 -5.31 39.76 -5.57
CA GLU D 100 -6.45 39.74 -4.68
C GLU D 100 -5.97 39.61 -3.23
N THR D 101 -6.90 39.80 -2.30
CA THR D 101 -6.61 39.68 -0.88
C THR D 101 -6.03 38.31 -0.56
N GLY D 102 -5.06 38.29 0.38
CA GLY D 102 -4.33 37.08 0.71
C GLY D 102 -4.09 36.98 2.20
N LEU D 103 -3.71 35.78 2.62
CA LEU D 103 -3.55 35.50 4.04
C LEU D 103 -2.29 36.18 4.60
N GLU D 104 -2.36 36.47 5.90
CA GLU D 104 -1.30 37.17 6.61
C GLU D 104 -1.19 36.50 7.98
N LEU D 105 -0.09 35.78 8.20
CA LEU D 105 0.12 34.96 9.38
C LEU D 105 1.09 35.69 10.29
N THR D 106 0.72 35.82 11.58
CA THR D 106 1.51 36.56 12.54
C THR D 106 1.65 35.75 13.81
N LEU D 107 2.78 35.95 14.49
CA LEU D 107 2.96 35.55 15.88
C LEU D 107 2.96 36.82 16.71
N THR D 108 2.07 36.89 17.70
CA THR D 108 1.92 38.07 18.53
C THR D 108 1.63 37.66 19.96
N ASN D 109 1.91 38.58 20.88
CA ASN D 109 1.42 38.46 22.25
C ASN D 109 0.08 39.16 22.45
N THR D 110 -0.25 40.12 21.59
CA THR D 110 -1.54 40.80 21.67
C THR D 110 -2.62 39.93 21.05
N SER D 111 -3.72 39.75 21.77
CA SER D 111 -4.85 38.97 21.28
C SER D 111 -5.70 39.81 20.33
N ILE D 112 -6.57 39.12 19.60
CA ILE D 112 -7.59 39.77 18.77
C ILE D 112 -8.97 39.17 18.93
N ILE D 113 -9.12 37.98 19.49
CA ILE D 113 -10.40 37.28 19.49
C ILE D 113 -11.06 37.45 20.86
N ASN D 114 -10.39 36.96 21.90
CA ASN D 114 -10.87 37.04 23.28
C ASN D 114 -12.26 36.41 23.45
N HIS D 115 -12.48 35.30 22.76
CA HIS D 115 -13.68 34.50 22.97
C HIS D 115 -13.46 33.13 22.34
N LYS D 116 -13.97 32.09 23.01
CA LYS D 116 -13.61 30.72 22.69
C LYS D 116 -14.46 30.10 21.58
N PHE D 117 -15.46 30.80 21.06
CA PHE D 117 -16.36 30.22 20.08
C PHE D 117 -15.80 30.40 18.68
N CYS D 118 -16.01 29.39 17.84
CA CYS D 118 -15.63 29.43 16.42
C CYS D 118 -16.85 29.00 15.62
N ASN D 119 -17.74 29.96 15.33
CA ASN D 119 -18.94 29.67 14.56
C ASN D 119 -18.54 29.52 13.10
N LEU D 120 -18.05 28.31 12.77
CA LEU D 120 -17.54 28.00 11.45
C LEU D 120 -18.62 27.46 10.53
N SER D 121 -19.49 26.59 11.03
CA SER D 121 -20.60 26.10 10.22
C SER D 121 -21.54 27.24 9.85
N ASP D 122 -21.76 28.19 10.76
CA ASP D 122 -22.56 29.36 10.44
C ASP D 122 -21.86 30.16 9.33
N ALA D 123 -20.53 30.27 9.38
CA ALA D 123 -19.80 30.98 8.34
C ALA D 123 -19.96 30.29 6.99
N HIS D 124 -19.96 28.95 6.98
CA HIS D 124 -20.25 28.24 5.73
C HIS D 124 -21.67 28.52 5.26
N LYS D 125 -22.62 28.59 6.19
CA LYS D 125 -24.01 28.85 5.82
C LYS D 125 -24.16 30.22 5.17
N LYS D 126 -23.58 31.25 5.78
CA LYS D 126 -23.68 32.59 5.21
C LYS D 126 -22.94 32.68 3.88
N ASN D 127 -21.76 32.06 3.79
CA ASN D 127 -20.98 31.97 2.56
C ASN D 127 -20.63 33.37 2.04
N LEU D 128 -19.85 34.10 2.84
CA LEU D 128 -19.30 35.39 2.47
C LEU D 128 -17.78 35.38 2.31
N TYR D 129 -17.09 34.41 2.93
CA TYR D 129 -15.64 34.34 2.80
C TYR D 129 -15.24 34.05 1.36
N ASP D 130 -14.06 34.55 0.98
CA ASP D 130 -13.48 34.17 -0.30
C ASP D 130 -13.12 32.70 -0.27
N HIS D 131 -13.34 32.02 -1.40
CA HIS D 131 -13.17 30.57 -1.42
C HIS D 131 -11.69 30.18 -1.30
N ALA D 132 -10.80 30.95 -1.93
CA ALA D 132 -9.38 30.62 -1.89
C ALA D 132 -8.82 30.72 -0.47
N LEU D 133 -9.20 31.78 0.25
CA LEU D 133 -8.71 31.97 1.61
C LEU D 133 -9.21 30.85 2.52
N MET D 134 -10.48 30.46 2.36
CA MET D 134 -11.00 29.37 3.17
C MET D 134 -10.34 28.06 2.80
N SER D 135 -10.01 27.86 1.52
CA SER D 135 -9.27 26.67 1.13
C SER D 135 -7.91 26.60 1.80
N ILE D 136 -7.19 27.72 1.83
CA ILE D 136 -5.86 27.69 2.43
C ILE D 136 -5.94 27.51 3.93
N ILE D 137 -6.91 28.15 4.59
CA ILE D 137 -6.95 28.02 6.05
C ILE D 137 -7.43 26.62 6.44
N SER D 138 -8.32 26.01 5.66
CA SER D 138 -8.69 24.61 5.90
C SER D 138 -7.49 23.71 5.69
N THR D 139 -6.68 23.98 4.66
CA THR D 139 -5.45 23.23 4.45
C THR D 139 -4.54 23.35 5.66
N PHE D 140 -4.40 24.56 6.20
CA PHE D 140 -3.54 24.75 7.36
C PHE D 140 -4.05 24.01 8.58
N HIS D 141 -5.34 24.16 8.89
CA HIS D 141 -5.87 23.55 10.11
C HIS D 141 -5.86 22.04 10.03
N LEU D 142 -6.16 21.47 8.86
CA LEU D 142 -6.07 20.02 8.74
C LEU D 142 -4.62 19.53 8.72
N SER D 143 -3.67 20.39 8.34
CA SER D 143 -2.28 19.97 8.22
C SER D 143 -1.55 19.93 9.55
N ILE D 144 -2.21 20.23 10.65
CA ILE D 144 -1.56 20.16 11.97
C ILE D 144 -1.23 18.70 12.25
N PRO D 145 -0.02 18.36 12.74
CA PRO D 145 0.28 16.93 12.92
C PRO D 145 -0.60 16.26 13.95
N ASN D 146 -0.86 16.92 15.07
CA ASN D 146 -1.60 16.30 16.16
C ASN D 146 -2.39 17.39 16.86
N PHE D 147 -3.69 17.47 16.55
CA PHE D 147 -4.61 18.43 17.15
C PHE D 147 -5.53 17.66 18.06
N ASN D 148 -5.46 17.93 19.36
CA ASN D 148 -6.29 17.28 20.35
C ASN D 148 -6.86 18.21 21.42
N GLN D 149 -6.63 19.52 21.34
CA GLN D 149 -7.30 20.51 22.17
C GLN D 149 -8.14 21.42 21.29
N TYR D 150 -9.45 21.26 21.36
CA TYR D 150 -10.35 22.16 20.63
C TYR D 150 -10.28 23.58 21.17
N GLU D 151 -9.95 23.73 22.46
CA GLU D 151 -9.98 25.05 23.08
C GLU D 151 -8.95 26.01 22.49
N ALA D 152 -7.87 25.48 21.90
CA ALA D 152 -6.82 26.33 21.34
C ALA D 152 -7.33 27.18 20.19
N MET D 153 -8.08 26.58 19.27
CA MET D 153 -8.63 27.32 18.15
C MET D 153 -9.66 28.34 18.61
N SER D 154 -9.68 29.49 17.93
CA SER D 154 -10.75 30.47 18.17
C SER D 154 -10.88 31.33 16.92
N CYS D 155 -12.06 31.31 16.32
CA CYS D 155 -12.31 31.98 15.05
C CYS D 155 -13.10 33.27 15.24
N ASP D 156 -13.21 34.04 14.18
CA ASP D 156 -14.09 35.22 14.16
C ASP D 156 -14.44 35.50 12.70
N PHE D 157 -15.64 35.10 12.30
CA PHE D 157 -16.10 35.23 10.92
C PHE D 157 -17.29 36.19 10.91
N ASN D 158 -17.19 37.23 10.10
CA ASN D 158 -18.27 38.21 9.99
C ASN D 158 -18.15 38.91 8.65
N GLY D 159 -19.14 38.73 7.79
CA GLY D 159 -19.08 39.33 6.46
C GLY D 159 -17.94 38.81 5.63
N GLY D 160 -17.61 37.53 5.78
CA GLY D 160 -16.53 36.91 5.05
C GLY D 160 -15.15 37.19 5.59
N LYS D 161 -15.03 37.86 6.72
CA LYS D 161 -13.72 38.12 7.32
C LYS D 161 -13.11 36.80 7.79
N ILE D 162 -11.81 36.65 7.51
CA ILE D 162 -11.04 35.50 7.95
C ILE D 162 -10.18 35.95 9.12
N SER D 163 -10.42 35.37 10.30
CA SER D 163 -9.69 35.75 11.50
C SER D 163 -9.67 34.54 12.41
N VAL D 164 -8.49 33.97 12.63
CA VAL D 164 -8.33 32.79 13.48
C VAL D 164 -7.14 32.99 14.40
N GLN D 165 -7.25 32.42 15.61
CA GLN D 165 -6.22 32.52 16.64
C GLN D 165 -5.97 31.15 17.22
N TYR D 166 -4.69 30.77 17.28
CA TYR D 166 -4.23 29.57 17.97
C TYR D 166 -3.54 30.03 19.25
N ASN D 167 -4.05 29.55 20.39
CA ASN D 167 -3.46 29.85 21.67
C ASN D 167 -2.30 28.90 21.93
N LEU D 168 -1.13 29.46 22.24
CA LEU D 168 0.08 28.69 22.51
C LEU D 168 0.53 29.00 23.93
N SER D 169 0.61 27.98 24.77
CA SER D 169 1.03 28.13 26.15
C SER D 169 1.30 26.78 26.79
N HIS D 179 4.92 20.81 28.92
CA HIS D 179 6.17 21.42 28.49
C HIS D 179 6.52 21.08 27.03
N CYS D 180 5.99 19.96 26.55
CA CYS D 180 6.23 19.55 25.16
C CYS D 180 5.15 18.57 24.75
N GLY D 181 5.04 18.36 23.45
CA GLY D 181 4.03 17.46 22.93
C GLY D 181 2.62 17.99 23.00
N THR D 182 2.45 19.32 23.04
CA THR D 182 1.15 19.95 23.17
C THR D 182 0.69 20.47 21.82
N VAL D 183 -0.45 21.17 21.82
CA VAL D 183 -1.00 21.70 20.58
C VAL D 183 -0.08 22.77 19.99
N ALA D 184 0.63 23.50 20.84
CA ALA D 184 1.55 24.53 20.36
C ALA D 184 2.64 23.93 19.50
N ASN D 185 3.14 22.75 19.88
CA ASN D 185 4.20 22.10 19.12
C ASN D 185 3.74 21.80 17.70
N GLY D 186 2.59 21.15 17.55
CA GLY D 186 2.10 20.82 16.22
C GLY D 186 1.72 22.03 15.40
N VAL D 187 1.07 23.02 16.03
CA VAL D 187 0.65 24.22 15.31
C VAL D 187 1.86 24.96 14.77
N LEU D 188 2.87 25.17 15.62
CA LEU D 188 4.05 25.89 15.17
C LEU D 188 4.87 25.04 14.20
N GLN D 189 4.85 23.72 14.36
CA GLN D 189 5.54 22.83 13.43
C GLN D 189 4.98 22.98 12.02
N THR D 190 3.66 23.04 11.89
CA THR D 190 3.07 23.33 10.59
C THR D 190 3.33 24.78 10.18
N PHE D 191 3.44 25.70 11.15
CA PHE D 191 3.63 27.11 10.82
C PHE D 191 4.96 27.34 10.11
N MET D 192 6.03 26.70 10.56
CA MET D 192 7.32 26.94 9.91
C MET D 192 7.37 26.42 8.47
N ARG D 193 6.45 25.55 8.07
CA ARG D 193 6.48 24.98 6.73
C ARG D 193 5.69 25.77 5.69
N MET D 194 5.04 26.87 6.06
CA MET D 194 4.45 27.72 5.04
C MET D 194 5.53 28.32 4.15
N ALA D 195 6.68 28.65 4.73
CA ALA D 195 7.85 29.07 3.98
C ALA D 195 9.09 28.58 4.71
N TRP D 196 10.04 28.03 3.95
CA TRP D 196 11.29 27.59 4.56
C TRP D 196 12.17 28.78 4.91
N GLY D 197 12.22 29.79 4.04
CA GLY D 197 13.01 30.97 4.32
C GLY D 197 12.29 31.92 5.24
N GLY D 198 13.00 32.42 6.24
CA GLY D 198 12.45 33.37 7.20
C GLY D 198 11.72 32.76 8.37
N SER D 199 11.49 31.45 8.38
CA SER D 199 10.79 30.78 9.46
C SER D 199 11.75 30.25 10.52
N TYR D 200 12.79 29.52 10.09
CA TYR D 200 13.73 28.92 11.03
C TYR D 200 14.47 29.96 11.86
N ILE D 201 14.58 31.20 11.39
CA ILE D 201 15.21 32.23 12.20
C ILE D 201 14.33 32.57 13.40
N ALA D 202 13.01 32.43 13.27
CA ALA D 202 12.12 32.63 14.40
C ALA D 202 12.25 31.49 15.41
N CYS D 207 17.65 23.54 14.86
CA CYS D 207 18.06 22.37 14.08
C CYS D 207 18.18 21.12 14.93
N GLY D 208 18.60 21.32 16.19
CA GLY D 208 18.79 20.17 17.07
C GLY D 208 17.51 19.42 17.36
N ASN D 209 16.39 20.14 17.43
CA ASN D 209 15.07 19.54 17.64
C ASN D 209 14.07 20.19 16.70
N TRP D 210 13.19 19.37 16.14
CA TRP D 210 12.05 19.82 15.36
C TRP D 210 10.74 19.24 15.83
N ASP D 211 10.73 17.99 16.28
CA ASP D 211 9.49 17.39 16.78
C ASP D 211 9.02 18.07 18.06
N CYS D 212 9.97 18.40 18.95
CA CYS D 212 9.71 19.10 20.20
C CYS D 212 10.30 20.51 20.10
N ILE D 213 9.45 21.48 19.76
CA ILE D 213 9.88 22.87 19.60
C ILE D 213 8.80 23.79 20.12
N MET D 214 9.21 25.00 20.51
CA MET D 214 8.31 26.04 20.97
C MET D 214 9.00 27.38 20.74
N THR D 215 8.20 28.44 20.80
CA THR D 215 8.69 29.80 20.64
C THR D 215 7.99 30.69 21.66
N SER D 216 8.71 31.72 22.11
CA SER D 216 8.22 32.57 23.20
C SER D 216 6.93 33.31 22.86
N TYR D 217 6.62 33.47 21.58
CA TYR D 217 5.41 34.18 21.20
C TYR D 217 4.19 33.36 21.61
N GLN D 218 3.16 34.05 22.12
CA GLN D 218 2.08 33.38 22.83
C GLN D 218 0.89 33.02 21.95
N TYR D 219 0.63 33.77 20.89
CA TYR D 219 -0.55 33.60 20.04
C TYR D 219 -0.13 33.58 18.58
N LEU D 220 -0.80 32.74 17.78
CA LEU D 220 -0.62 32.72 16.32
C LEU D 220 -1.94 33.18 15.70
N ILE D 221 -1.91 34.37 15.11
CA ILE D 221 -3.09 34.98 14.50
C ILE D 221 -2.97 34.81 12.98
N ILE D 222 -4.11 34.61 12.33
CA ILE D 222 -4.22 34.47 10.88
C ILE D 222 -5.30 35.44 10.45
N GLN D 223 -4.96 36.32 9.50
CA GLN D 223 -5.85 37.37 9.03
C GLN D 223 -5.83 37.38 7.50
N ASN D 224 -6.72 38.19 6.92
CA ASN D 224 -6.69 38.50 5.50
C ASN D 224 -6.24 39.95 5.34
N THR D 225 -5.40 40.21 4.33
CA THR D 225 -4.93 41.57 4.05
C THR D 225 -4.71 41.72 2.56
N THR D 226 -4.81 42.96 2.10
CA THR D 226 -4.54 43.26 0.71
C THR D 226 -3.06 43.07 0.42
N TRP D 227 -2.73 42.92 -0.86
CA TRP D 227 -1.36 42.65 -1.28
C TRP D 227 -0.58 43.96 -1.38
N GLU D 228 0.41 44.11 -0.52
CA GLU D 228 1.46 45.12 -0.63
C GLU D 228 2.79 44.39 -0.76
N ASP D 229 3.88 45.14 -0.88
CA ASP D 229 5.20 44.53 -1.02
C ASP D 229 5.65 43.92 0.31
N HIS D 230 5.02 42.81 0.69
CA HIS D 230 5.30 42.13 1.95
C HIS D 230 6.35 41.03 1.80
N CYS D 231 7.21 41.11 0.78
CA CYS D 231 8.18 40.08 0.46
C CYS D 231 9.59 40.67 0.38
N GLN D 232 9.90 41.58 1.30
CA GLN D 232 11.20 42.26 1.26
C GLN D 232 12.32 41.32 1.66
N PHE D 233 12.14 40.57 2.74
CA PHE D 233 13.22 39.76 3.31
C PHE D 233 13.41 38.44 2.58
N SER D 234 12.37 37.62 2.54
CA SER D 234 12.42 36.30 1.91
C SER D 234 11.84 36.35 0.50
N ARG D 235 12.39 35.51 -0.35
CA ARG D 235 11.96 35.48 -1.74
C ARG D 235 10.57 34.82 -1.82
N PRO D 236 9.65 35.32 -2.66
CA PRO D 236 8.40 34.59 -2.86
C PRO D 236 8.64 33.23 -3.47
N SER D 237 7.84 32.24 -3.04
CA SER D 237 7.90 30.90 -3.62
C SER D 237 6.73 30.06 -3.12
N PRO D 238 6.20 29.13 -3.92
CA PRO D 238 5.06 28.31 -3.50
C PRO D 238 5.44 26.98 -2.85
N ILE D 239 6.70 26.78 -2.47
CA ILE D 239 7.18 25.46 -2.10
C ILE D 239 6.47 24.93 -0.86
N GLY D 240 6.33 25.77 0.17
CA GLY D 240 5.74 25.29 1.41
C GLY D 240 4.30 24.88 1.26
N TYR D 241 3.51 25.73 0.59
CA TYR D 241 2.09 25.42 0.43
C TYR D 241 1.90 24.21 -0.45
N LEU D 242 2.68 24.10 -1.53
CA LEU D 242 2.57 22.90 -2.36
C LEU D 242 3.00 21.67 -1.59
N GLY D 243 3.94 21.83 -0.65
CA GLY D 243 4.35 20.72 0.18
C GLY D 243 3.23 20.24 1.08
N LEU D 244 2.39 21.14 1.55
CA LEU D 244 1.41 20.77 2.57
C LEU D 244 0.16 20.09 2.01
N LEU D 245 -0.06 20.15 0.69
CA LEU D 245 -1.28 19.63 0.08
C LEU D 245 -1.45 18.14 0.38
N SER D 246 -0.41 17.34 0.14
CA SER D 246 -0.48 15.91 0.43
C SER D 246 -0.67 15.66 1.93
N GLN D 247 -0.08 16.49 2.76
CA GLN D 247 -0.08 16.29 4.20
C GLN D 247 -1.37 16.81 4.87
N ARG D 248 -2.33 17.31 4.07
CA ARG D 248 -3.52 17.94 4.64
C ARG D 248 -4.30 17.01 5.54
N THR D 249 -4.52 15.76 5.13
CA THR D 249 -5.27 14.79 5.91
C THR D 249 -4.35 13.66 6.41
N ARG D 250 -3.03 13.87 6.34
CA ARG D 250 -2.08 12.81 6.66
C ARG D 250 -2.22 12.36 8.12
N ASP D 251 -2.34 13.30 9.05
CA ASP D 251 -2.34 13.01 10.48
C ASP D 251 -3.48 13.72 11.21
N ILE D 252 -4.57 13.00 11.42
CA ILE D 252 -5.72 13.48 12.18
C ILE D 252 -6.08 12.42 13.21
N TYR D 253 -6.44 12.86 14.41
CA TYR D 253 -7.01 11.94 15.40
C TYR D 253 -8.50 11.80 15.17
N ILE D 254 -9.01 10.59 15.42
CA ILE D 254 -10.45 10.41 15.49
C ILE D 254 -11.00 11.25 16.63
N SER D 255 -12.08 11.98 16.37
CA SER D 255 -12.84 12.69 17.38
C SER D 255 -14.27 12.19 17.53
N ARG D 256 -14.74 11.35 16.61
CA ARG D 256 -16.07 10.75 16.68
C ARG D 256 -15.93 9.27 16.36
N ARG D 257 -16.87 8.48 16.87
CA ARG D 257 -16.79 7.04 16.68
C ARG D 257 -17.02 6.66 15.22
N LEU D 258 -17.90 7.39 14.54
CA LEU D 258 -18.22 7.17 13.12
C LEU D 258 -17.86 8.44 12.36
N LEU D 259 -16.81 8.35 11.55
CA LEU D 259 -16.36 9.50 10.76
C LEU D 259 -17.15 9.61 9.47
N SER E 60 24.83 -25.45 -8.37
CA SER E 60 25.09 -24.52 -7.27
C SER E 60 25.47 -23.14 -7.83
N LEU E 61 26.68 -23.03 -8.36
CA LEU E 61 27.16 -21.78 -8.92
C LEU E 61 26.63 -21.63 -10.34
N TYR E 62 25.98 -20.50 -10.62
CA TYR E 62 25.40 -20.24 -11.93
C TYR E 62 26.43 -19.54 -12.81
N LYS E 63 26.64 -20.07 -14.02
CA LYS E 63 27.67 -19.59 -14.94
C LYS E 63 29.07 -19.70 -14.35
N GLY E 64 29.29 -20.59 -13.38
CA GLY E 64 30.60 -20.76 -12.81
C GLY E 64 31.05 -19.63 -11.91
N VAL E 65 31.26 -18.45 -12.50
CA VAL E 65 31.85 -17.34 -11.76
C VAL E 65 30.90 -16.84 -10.67
N TYR E 66 29.60 -16.78 -10.96
CA TYR E 66 28.65 -16.24 -9.99
C TYR E 66 28.28 -17.29 -8.96
N GLU E 67 28.37 -16.92 -7.68
CA GLU E 67 27.96 -17.75 -6.56
C GLU E 67 27.01 -16.94 -5.70
N LEU E 68 25.93 -17.57 -5.26
CA LEU E 68 24.88 -16.88 -4.53
C LEU E 68 25.27 -16.65 -3.07
N GLN E 69 24.90 -15.48 -2.56
CA GLN E 69 24.99 -15.17 -1.14
C GLN E 69 23.72 -14.44 -0.73
N THR E 70 23.37 -14.59 0.54
CA THR E 70 22.06 -14.20 1.06
C THR E 70 22.23 -13.17 2.18
N LEU E 71 21.27 -12.26 2.26
CA LEU E 71 21.26 -11.18 3.24
C LEU E 71 20.01 -11.31 4.10
N GLU E 72 20.18 -11.18 5.41
CA GLU E 72 19.12 -11.35 6.39
C GLU E 72 19.10 -10.14 7.32
N LEU E 73 17.92 -9.57 7.53
CA LEU E 73 17.74 -8.32 8.26
C LEU E 73 17.26 -8.59 9.69
N ASN E 74 17.78 -7.79 10.62
CA ASN E 74 17.32 -7.77 12.01
C ASN E 74 16.39 -6.58 12.18
N MET E 75 15.09 -6.85 12.25
CA MET E 75 14.11 -5.78 12.35
C MET E 75 13.96 -5.24 13.76
N GLU E 76 14.51 -5.91 14.77
CA GLU E 76 14.39 -5.43 16.15
C GLU E 76 15.06 -4.08 16.36
N THR E 77 16.02 -3.71 15.51
CA THR E 77 16.64 -2.40 15.58
C THR E 77 15.72 -1.26 15.14
N LEU E 78 14.55 -1.56 14.58
CA LEU E 78 13.63 -0.54 14.10
C LEU E 78 12.72 0.02 15.20
N ASN E 79 12.98 -0.30 16.47
CA ASN E 79 12.04 0.01 17.55
C ASN E 79 11.83 1.51 17.71
N MET E 80 12.93 2.27 17.75
CA MET E 80 12.85 3.67 18.14
C MET E 80 12.28 4.53 17.01
N THR E 81 12.68 4.25 15.78
CA THR E 81 12.32 5.13 14.68
C THR E 81 10.83 5.03 14.36
N MET E 82 10.28 3.83 14.34
CA MET E 82 8.90 3.60 13.95
C MET E 82 8.42 2.31 14.62
N PRO E 83 7.11 2.09 14.70
CA PRO E 83 6.62 0.97 15.50
C PRO E 83 6.88 -0.36 14.81
N LEU E 84 6.86 -1.43 15.63
CA LEU E 84 7.06 -2.80 15.16
C LEU E 84 5.98 -3.69 15.72
N SER E 85 5.45 -4.58 14.87
CA SER E 85 4.38 -5.51 15.23
C SER E 85 4.92 -6.93 15.21
N CYS E 86 4.45 -7.74 16.15
CA CYS E 86 4.88 -9.13 16.26
C CYS E 86 3.82 -9.94 16.99
N THR E 87 3.92 -11.27 16.88
CA THR E 87 2.83 -12.19 17.21
C THR E 87 3.21 -13.08 18.38
N LYS E 88 2.20 -13.42 19.19
CA LYS E 88 2.38 -14.31 20.32
C LYS E 88 1.02 -14.90 20.72
N ASN E 89 1.02 -16.18 21.08
CA ASN E 89 -0.08 -16.83 21.80
C ASN E 89 -1.35 -17.00 20.97
N ASN E 90 -1.31 -16.77 19.65
CA ASN E 90 -2.38 -17.05 18.71
C ASN E 90 -3.52 -16.05 18.76
N SER E 91 -3.56 -15.14 19.75
CA SER E 91 -4.64 -14.18 19.92
C SER E 91 -4.16 -12.76 20.18
N HIS E 92 -2.94 -12.57 20.65
CA HIS E 92 -2.51 -11.27 21.15
C HIS E 92 -2.01 -10.33 20.06
N HIS E 93 -0.94 -10.69 19.36
CA HIS E 93 -0.43 -9.86 18.26
C HIS E 93 0.01 -8.48 18.75
N TYR E 94 0.86 -8.47 19.77
CA TYR E 94 1.36 -7.24 20.38
C TYR E 94 2.09 -6.38 19.36
N ILE E 95 2.21 -5.09 19.68
CA ILE E 95 2.89 -4.12 18.82
C ILE E 95 3.69 -3.14 19.68
N MET E 96 4.91 -2.85 19.24
CA MET E 96 5.78 -1.86 19.87
C MET E 96 5.52 -0.50 19.25
N VAL E 97 5.39 0.53 20.08
CA VAL E 97 5.47 1.91 19.57
C VAL E 97 6.89 2.45 19.69
N GLY E 98 7.60 2.07 20.75
CA GLY E 98 8.94 2.54 20.99
C GLY E 98 9.71 1.56 21.83
N ASN E 99 10.66 2.09 22.61
CA ASN E 99 11.52 1.25 23.43
C ASN E 99 10.74 0.52 24.51
N GLU E 100 9.79 1.20 25.15
CA GLU E 100 9.21 0.75 26.42
C GLU E 100 7.77 0.26 26.31
N THR E 101 6.87 1.05 25.71
CA THR E 101 5.43 0.80 25.77
C THR E 101 4.92 0.32 24.41
N GLY E 102 3.62 0.05 24.37
CA GLY E 102 3.00 -0.41 23.13
C GLY E 102 1.54 -0.73 23.37
N LEU E 103 0.92 -1.35 22.37
CA LEU E 103 -0.46 -1.80 22.45
C LEU E 103 -0.54 -3.32 22.50
N GLU E 104 -1.76 -3.79 22.76
CA GLU E 104 -2.08 -5.18 23.02
C GLU E 104 -3.34 -5.47 22.22
N LEU E 105 -3.17 -6.17 21.11
CA LEU E 105 -4.20 -6.35 20.09
C LEU E 105 -4.97 -7.66 20.29
N THR E 106 -5.45 -7.88 21.51
CA THR E 106 -5.88 -9.21 21.90
C THR E 106 -7.27 -9.50 21.36
N LEU E 107 -7.55 -10.79 21.12
CA LEU E 107 -8.88 -11.27 20.78
C LEU E 107 -9.34 -12.19 21.90
N THR E 108 -10.49 -11.88 22.50
CA THR E 108 -11.04 -12.67 23.60
C THR E 108 -12.54 -12.83 23.45
N ASN E 109 -13.04 -13.88 24.08
CA ASN E 109 -14.49 -14.01 24.30
C ASN E 109 -14.96 -13.06 25.39
N THR E 110 -14.11 -12.74 26.36
CA THR E 110 -14.52 -11.96 27.53
C THR E 110 -14.46 -10.47 27.21
N SER E 111 -15.57 -9.78 27.45
CA SER E 111 -15.64 -8.34 27.34
C SER E 111 -15.14 -7.68 28.63
N ILE E 112 -14.66 -6.45 28.50
CA ILE E 112 -14.33 -5.63 29.66
C ILE E 112 -14.92 -4.22 29.60
N ILE E 113 -15.34 -3.71 28.44
CA ILE E 113 -16.13 -2.48 28.33
C ILE E 113 -17.56 -2.93 28.12
N ASN E 114 -18.37 -2.90 29.18
CA ASN E 114 -19.76 -3.33 29.10
C ASN E 114 -20.70 -2.23 28.62
N HIS E 115 -20.23 -1.01 28.39
CA HIS E 115 -21.07 0.13 28.07
C HIS E 115 -20.85 0.59 26.63
N LYS E 116 -21.93 1.06 26.01
CA LYS E 116 -21.90 1.54 24.63
C LYS E 116 -21.65 3.06 24.57
N PHE E 117 -20.60 3.52 25.25
CA PHE E 117 -20.22 4.91 25.30
C PHE E 117 -18.73 5.00 25.05
N CYS E 118 -18.24 6.18 24.55
CA CYS E 118 -16.80 6.32 24.31
C CYS E 118 -16.18 7.52 25.01
N ASN E 119 -16.88 8.65 25.04
CA ASN E 119 -16.37 9.89 25.61
C ASN E 119 -15.03 10.26 24.94
N LEU E 120 -15.00 10.14 23.61
CA LEU E 120 -13.77 10.39 22.87
C LEU E 120 -13.36 11.86 22.96
N SER E 121 -14.33 12.76 22.81
CA SER E 121 -14.02 14.19 22.88
C SER E 121 -13.52 14.57 24.26
N ASP E 122 -14.13 14.01 25.31
CA ASP E 122 -13.63 14.24 26.66
C ASP E 122 -12.23 13.68 26.83
N ALA E 123 -11.94 12.55 26.18
CA ALA E 123 -10.59 11.99 26.24
C ALA E 123 -9.59 12.93 25.59
N HIS E 124 -9.96 13.54 24.47
CA HIS E 124 -9.09 14.55 23.87
C HIS E 124 -8.91 15.74 24.80
N LYS E 125 -10.00 16.19 25.43
CA LYS E 125 -9.93 17.38 26.27
C LYS E 125 -9.04 17.14 27.49
N LYS E 126 -9.18 15.98 28.14
CA LYS E 126 -8.37 15.72 29.32
C LYS E 126 -6.90 15.60 28.98
N ASN E 127 -6.57 14.97 27.85
CA ASN E 127 -5.22 14.90 27.31
C ASN E 127 -4.28 14.08 28.19
N LEU E 128 -4.81 13.25 29.09
CA LEU E 128 -3.95 12.46 29.96
C LEU E 128 -3.24 11.35 29.19
N TYR E 129 -3.84 10.87 28.11
CA TYR E 129 -3.28 9.77 27.34
C TYR E 129 -1.95 10.17 26.72
N ASP E 130 -1.26 9.16 26.17
CA ASP E 130 -0.01 9.36 25.44
C ASP E 130 -0.30 9.50 23.95
N HIS E 131 0.38 10.44 23.31
CA HIS E 131 -0.04 10.91 22.00
C HIS E 131 0.22 9.87 20.92
N ALA E 132 1.38 9.22 20.94
CA ALA E 132 1.74 8.29 19.88
C ALA E 132 0.82 7.09 19.85
N LEU E 133 0.39 6.63 21.03
CA LEU E 133 -0.51 5.49 21.09
C LEU E 133 -1.84 5.82 20.41
N MET E 134 -2.44 6.97 20.74
CA MET E 134 -3.70 7.32 20.10
C MET E 134 -3.50 7.64 18.63
N SER E 135 -2.31 8.08 18.24
CA SER E 135 -2.02 8.20 16.81
C SER E 135 -2.12 6.83 16.14
N ILE E 136 -1.61 5.80 16.80
CA ILE E 136 -1.71 4.45 16.24
C ILE E 136 -3.17 4.00 16.20
N ILE E 137 -3.95 4.33 17.23
CA ILE E 137 -5.37 3.95 17.24
C ILE E 137 -6.11 4.63 16.09
N SER E 138 -5.84 5.90 15.86
CA SER E 138 -6.48 6.60 14.75
C SER E 138 -6.07 6.01 13.42
N THR E 139 -4.79 5.68 13.27
CA THR E 139 -4.33 5.04 12.04
C THR E 139 -5.03 3.69 11.84
N PHE E 140 -5.33 2.98 12.93
CA PHE E 140 -6.14 1.79 12.83
C PHE E 140 -7.56 2.14 12.35
N HIS E 141 -8.20 3.09 13.03
CA HIS E 141 -9.62 3.33 12.83
C HIS E 141 -9.94 3.86 11.44
N LEU E 142 -9.26 4.93 11.02
CA LEU E 142 -9.53 5.46 9.69
C LEU E 142 -9.13 4.50 8.58
N SER E 143 -8.26 3.54 8.87
CA SER E 143 -7.91 2.50 7.91
C SER E 143 -8.93 1.37 7.83
N ILE E 144 -9.96 1.37 8.68
CA ILE E 144 -10.98 0.31 8.62
C ILE E 144 -11.77 0.52 7.33
N PRO E 145 -11.82 -0.43 6.39
CA PRO E 145 -12.64 -0.21 5.20
C PRO E 145 -14.12 -0.42 5.50
N ASN E 146 -14.93 0.54 5.05
CA ASN E 146 -16.40 0.43 5.05
C ASN E 146 -16.94 0.30 6.48
N PHE E 147 -16.65 1.30 7.31
CA PHE E 147 -17.10 1.31 8.69
C PHE E 147 -18.42 2.09 8.78
N ASN E 148 -19.49 1.40 9.15
CA ASN E 148 -20.84 1.98 9.19
C ASN E 148 -21.45 1.94 10.58
N GLN E 149 -21.46 0.78 11.23
CA GLN E 149 -21.98 0.69 12.58
C GLN E 149 -21.05 1.37 13.57
N TYR E 150 -21.64 2.01 14.57
CA TYR E 150 -20.92 2.64 15.67
C TYR E 150 -21.13 1.92 17.00
N GLU E 151 -22.34 1.42 17.24
CA GLU E 151 -22.66 0.72 18.50
C GLU E 151 -21.80 -0.51 18.75
N ALA E 152 -21.07 -1.02 17.75
CA ALA E 152 -20.16 -2.13 17.97
C ALA E 152 -18.99 -1.67 18.82
N MET E 153 -18.16 -0.80 18.26
CA MET E 153 -16.96 -0.34 18.93
C MET E 153 -17.26 0.35 20.24
N SER E 154 -16.75 -0.19 21.35
CA SER E 154 -16.87 0.45 22.65
C SER E 154 -15.46 0.76 23.15
N CYS E 155 -15.22 2.02 23.49
CA CYS E 155 -13.90 2.52 23.86
C CYS E 155 -13.89 3.28 25.18
N ASP E 156 -12.92 2.95 26.05
CA ASP E 156 -12.71 3.66 27.31
C ASP E 156 -11.32 4.29 27.31
N PHE E 157 -11.28 5.62 27.45
CA PHE E 157 -10.05 6.40 27.51
C PHE E 157 -9.83 7.08 28.87
N ASN E 158 -10.56 6.67 29.91
CA ASN E 158 -10.44 7.35 31.20
C ASN E 158 -9.03 7.17 31.78
N GLY E 159 -8.55 8.19 32.48
CA GLY E 159 -7.24 8.04 33.11
C GLY E 159 -6.07 7.88 32.15
N GLY E 160 -6.27 8.08 30.85
CA GLY E 160 -5.22 7.99 29.86
C GLY E 160 -4.95 6.58 29.38
N LYS E 161 -5.65 5.57 29.90
CA LYS E 161 -5.51 4.22 29.39
C LYS E 161 -6.11 4.21 28.00
N ILE E 162 -5.50 3.50 27.07
CA ILE E 162 -6.03 3.36 25.72
C ILE E 162 -6.74 2.01 25.67
N SER E 163 -8.08 2.00 25.68
CA SER E 163 -8.83 0.75 25.53
C SER E 163 -9.91 0.89 24.46
N VAL E 164 -9.86 0.03 23.45
CA VAL E 164 -10.90 -0.01 22.40
C VAL E 164 -11.35 -1.47 22.20
N GLN E 165 -12.66 -1.71 22.22
CA GLN E 165 -13.24 -3.05 22.12
C GLN E 165 -14.18 -3.17 20.92
N TYR E 166 -13.68 -3.64 19.79
CA TYR E 166 -14.53 -3.85 18.62
C TYR E 166 -15.35 -5.12 18.83
N ASN E 167 -16.68 -4.98 18.76
CA ASN E 167 -17.60 -6.12 18.83
C ASN E 167 -17.69 -6.79 17.46
N LEU E 168 -17.32 -8.06 17.39
CA LEU E 168 -17.31 -8.81 16.14
C LEU E 168 -18.57 -9.63 15.89
N SER E 169 -19.53 -9.62 16.82
CA SER E 169 -20.75 -10.41 16.64
C SER E 169 -21.68 -9.75 15.62
N HIS E 179 -23.57 -13.27 4.68
CA HIS E 179 -23.66 -12.44 5.88
C HIS E 179 -22.30 -11.97 6.40
N CYS E 180 -21.22 -12.26 5.66
CA CYS E 180 -19.89 -11.86 6.10
C CYS E 180 -19.58 -10.39 5.83
N GLY E 181 -20.38 -9.72 4.99
CA GLY E 181 -20.14 -8.33 4.69
C GLY E 181 -20.62 -7.42 5.80
N THR E 182 -19.89 -7.41 6.91
CA THR E 182 -20.24 -6.63 8.09
C THR E 182 -19.03 -5.88 8.62
N VAL E 183 -19.16 -5.28 9.81
CA VAL E 183 -18.03 -4.57 10.41
C VAL E 183 -16.91 -5.54 10.73
N ALA E 184 -17.25 -6.78 11.10
CA ALA E 184 -16.26 -7.75 11.56
C ALA E 184 -15.21 -8.03 10.50
N ASN E 185 -15.65 -8.23 9.25
CA ASN E 185 -14.73 -8.52 8.17
C ASN E 185 -13.76 -7.37 7.95
N GLY E 186 -14.26 -6.14 8.00
CA GLY E 186 -13.39 -4.99 7.83
C GLY E 186 -12.36 -4.85 8.93
N VAL E 187 -12.81 -5.00 10.19
CA VAL E 187 -11.86 -4.79 11.29
C VAL E 187 -10.82 -5.89 11.31
N LEU E 188 -11.21 -7.13 11.00
CA LEU E 188 -10.21 -8.20 10.95
C LEU E 188 -9.27 -8.06 9.75
N GLN E 189 -9.77 -7.51 8.63
CA GLN E 189 -8.86 -7.23 7.52
C GLN E 189 -7.81 -6.20 7.93
N THR E 190 -8.25 -5.14 8.59
CA THR E 190 -7.30 -4.13 9.07
C THR E 190 -6.36 -4.72 10.12
N PHE E 191 -6.90 -5.58 10.98
CA PHE E 191 -6.09 -6.31 11.96
C PHE E 191 -4.96 -7.09 11.31
N MET E 192 -5.29 -7.93 10.32
CA MET E 192 -4.26 -8.77 9.75
C MET E 192 -3.29 -7.95 8.91
N ARG E 193 -3.75 -6.85 8.33
CA ARG E 193 -2.82 -5.98 7.61
C ARG E 193 -1.83 -5.33 8.57
N MET E 194 -2.29 -4.92 9.76
CA MET E 194 -1.36 -4.33 10.72
C MET E 194 -0.31 -5.33 11.19
N ALA E 195 -0.76 -6.49 11.67
CA ALA E 195 0.13 -7.57 12.10
C ALA E 195 0.27 -8.53 10.93
N TRP E 196 1.06 -8.12 9.94
CA TRP E 196 1.16 -8.88 8.70
C TRP E 196 1.81 -10.24 8.95
N GLY E 197 3.05 -10.24 9.44
CA GLY E 197 3.72 -11.49 9.72
C GLY E 197 3.14 -12.19 10.93
N GLY E 198 2.43 -13.28 10.70
CA GLY E 198 1.82 -14.03 11.78
C GLY E 198 0.46 -13.49 12.19
N SER E 199 -0.48 -13.43 11.25
CA SER E 199 -1.89 -13.22 11.55
C SER E 199 -2.81 -14.23 10.90
N TYR E 200 -2.31 -15.04 9.95
CA TYR E 200 -3.07 -16.16 9.42
C TYR E 200 -3.54 -17.11 10.52
N ILE E 201 -2.75 -17.24 11.59
CA ILE E 201 -3.14 -18.10 12.71
C ILE E 201 -4.42 -17.58 13.36
N ALA E 202 -4.62 -16.26 13.38
CA ALA E 202 -5.81 -15.70 14.00
C ALA E 202 -7.06 -15.99 13.19
N LEU E 203 -6.96 -15.96 11.86
CA LEU E 203 -8.12 -16.00 10.99
C LEU E 203 -8.36 -17.42 10.49
N ASP E 204 -9.62 -17.86 10.56
CA ASP E 204 -10.07 -19.04 9.85
C ASP E 204 -10.72 -18.60 8.52
N SER E 205 -9.91 -17.90 7.73
CA SER E 205 -10.40 -17.23 6.53
C SER E 205 -10.24 -18.08 5.28
N GLY E 206 -9.15 -18.83 5.17
CA GLY E 206 -8.85 -19.55 3.95
C GLY E 206 -7.99 -18.72 3.01
N CYS E 207 -7.79 -19.27 1.82
CA CYS E 207 -6.92 -18.67 0.82
C CYS E 207 -7.74 -17.84 -0.16
N GLY E 208 -7.39 -16.56 -0.28
CA GLY E 208 -8.06 -15.67 -1.21
C GLY E 208 -9.44 -15.21 -0.77
N ASN E 209 -9.82 -15.45 0.48
CA ASN E 209 -11.17 -15.13 0.95
C ASN E 209 -11.20 -13.75 1.61
N TRP E 210 -10.82 -12.74 0.82
CA TRP E 210 -10.86 -11.37 1.32
C TRP E 210 -12.28 -10.87 1.56
N ASP E 211 -13.27 -11.45 0.88
CA ASP E 211 -14.66 -11.06 1.11
C ASP E 211 -15.08 -11.33 2.54
N CYS E 212 -14.88 -12.56 3.00
CA CYS E 212 -15.34 -13.03 4.30
C CYS E 212 -14.12 -13.39 5.14
N ILE E 213 -13.82 -12.55 6.12
CA ILE E 213 -12.85 -12.84 7.18
C ILE E 213 -13.65 -13.08 8.45
N MET E 214 -13.37 -14.20 9.11
CA MET E 214 -14.08 -14.58 10.32
C MET E 214 -13.08 -15.19 11.29
N THR E 215 -13.45 -15.16 12.56
CA THR E 215 -12.60 -15.68 13.62
C THR E 215 -13.50 -16.15 14.75
N SER E 216 -13.08 -17.23 15.41
CA SER E 216 -13.90 -17.78 16.50
C SER E 216 -14.05 -16.79 17.64
N TYR E 217 -12.99 -16.04 17.95
CA TYR E 217 -13.07 -15.01 18.97
C TYR E 217 -14.07 -13.93 18.56
N GLN E 218 -14.82 -13.44 19.54
CA GLN E 218 -15.95 -12.55 19.30
C GLN E 218 -15.65 -11.07 19.50
N TYR E 219 -14.44 -10.71 19.95
CA TYR E 219 -14.11 -9.33 20.28
C TYR E 219 -12.67 -9.06 19.88
N LEU E 220 -12.34 -7.78 19.73
CA LEU E 220 -10.97 -7.34 19.49
C LEU E 220 -10.69 -6.18 20.44
N ILE E 221 -9.83 -6.42 21.43
CA ILE E 221 -9.52 -5.45 22.48
C ILE E 221 -8.12 -4.91 22.21
N ILE E 222 -8.05 -3.61 21.96
CA ILE E 222 -6.80 -2.88 21.91
C ILE E 222 -6.57 -2.35 23.32
N GLN E 223 -5.38 -2.57 23.87
CA GLN E 223 -5.07 -2.14 25.23
C GLN E 223 -3.65 -1.58 25.32
N ASN E 224 -3.49 -0.46 26.03
CA ASN E 224 -2.16 0.00 26.39
C ASN E 224 -1.42 -1.07 27.20
N THR E 225 -0.11 -1.14 27.02
CA THR E 225 0.68 -2.13 27.75
C THR E 225 2.14 -1.73 27.76
N THR E 226 2.86 -2.24 28.77
CA THR E 226 4.31 -2.26 28.76
C THR E 226 4.78 -3.45 27.93
N TRP E 227 6.06 -3.44 27.56
CA TRP E 227 6.49 -4.33 26.48
C TRP E 227 6.88 -5.74 26.94
N GLU E 228 7.85 -5.85 27.85
CA GLU E 228 8.20 -7.12 28.53
C GLU E 228 8.60 -8.27 27.57
N ASP E 229 9.06 -7.96 26.37
CA ASP E 229 9.57 -8.94 25.39
C ASP E 229 8.50 -10.00 25.06
N HIS E 230 7.46 -9.52 24.38
CA HIS E 230 6.30 -10.31 24.02
C HIS E 230 6.42 -11.08 22.71
N CYS E 231 7.40 -10.78 21.86
CA CYS E 231 7.51 -11.52 20.59
C CYS E 231 7.94 -12.94 20.88
N GLN E 232 7.05 -13.89 20.59
CA GLN E 232 7.29 -15.32 20.80
C GLN E 232 6.91 -16.20 19.62
N PHE E 233 6.15 -15.70 18.64
CA PHE E 233 5.73 -16.46 17.48
C PHE E 233 6.35 -15.96 16.19
N SER E 234 6.37 -14.64 15.98
CA SER E 234 6.91 -14.02 14.78
C SER E 234 7.88 -12.92 15.17
N ARG E 235 8.78 -12.60 14.26
CA ARG E 235 9.80 -11.60 14.52
C ARG E 235 9.20 -10.20 14.43
N PRO E 236 9.90 -9.19 14.92
CA PRO E 236 9.44 -7.81 14.71
C PRO E 236 9.38 -7.48 13.22
N SER E 237 8.39 -6.70 12.84
CA SER E 237 8.24 -6.28 11.45
C SER E 237 7.40 -5.00 11.38
N PRO E 238 7.90 -3.89 10.83
CA PRO E 238 7.06 -2.70 10.72
C PRO E 238 6.22 -2.65 9.46
N ILE E 239 6.29 -3.68 8.61
CA ILE E 239 5.82 -3.58 7.24
C ILE E 239 4.31 -3.41 7.20
N GLY E 240 3.58 -4.15 8.03
CA GLY E 240 2.13 -4.06 8.01
C GLY E 240 1.63 -2.67 8.37
N TYR E 241 2.15 -2.12 9.47
CA TYR E 241 1.72 -0.78 9.89
C TYR E 241 2.16 0.27 8.88
N LEU E 242 3.41 0.18 8.43
CA LEU E 242 3.95 1.16 7.50
C LEU E 242 3.17 1.16 6.19
N GLY E 243 2.79 -0.02 5.71
CA GLY E 243 1.92 -0.13 4.55
C GLY E 243 0.47 0.25 4.82
N LEU E 244 0.06 0.27 6.08
CA LEU E 244 -1.33 0.55 6.45
C LEU E 244 -1.63 2.04 6.58
N LEU E 245 -0.62 2.92 6.56
CA LEU E 245 -0.89 4.35 6.65
C LEU E 245 -1.70 4.85 5.46
N SER E 246 -1.35 4.41 4.25
CA SER E 246 -1.98 4.97 3.05
C SER E 246 -3.45 4.61 2.94
N GLN E 247 -3.92 3.57 3.64
CA GLN E 247 -5.33 3.22 3.61
C GLN E 247 -6.17 4.07 4.55
N ARG E 248 -5.56 4.94 5.36
CA ARG E 248 -6.35 5.80 6.23
C ARG E 248 -7.18 6.78 5.39
N THR E 249 -8.46 6.89 5.71
CA THR E 249 -9.39 7.74 4.97
C THR E 249 -9.47 7.36 3.50
N ARG E 250 -9.21 6.10 3.17
CA ARG E 250 -9.24 5.61 1.80
C ARG E 250 -10.55 4.94 1.43
N ASP E 251 -11.22 4.33 2.40
CA ASP E 251 -12.57 3.78 2.21
C ASP E 251 -13.35 4.09 3.48
N ILE E 252 -14.02 5.24 3.47
CA ILE E 252 -14.82 5.69 4.61
C ILE E 252 -16.15 6.23 4.10
N TYR E 253 -17.23 5.86 4.79
CA TYR E 253 -18.55 6.34 4.48
C TYR E 253 -18.74 7.75 5.02
N ILE E 254 -19.48 8.57 4.28
CA ILE E 254 -19.89 9.86 4.82
C ILE E 254 -20.81 9.66 6.01
N SER E 255 -20.81 10.66 6.90
CA SER E 255 -21.66 10.67 8.09
C SER E 255 -22.40 11.98 8.30
N ARG E 256 -22.03 13.05 7.59
CA ARG E 256 -22.70 14.33 7.71
C ARG E 256 -22.61 15.02 6.35
N ARG E 257 -23.57 15.91 6.09
CA ARG E 257 -23.58 16.65 4.83
C ARG E 257 -22.31 17.48 4.69
N LEU E 258 -22.10 18.43 5.60
CA LEU E 258 -20.91 19.28 5.62
C LEU E 258 -19.87 18.62 6.52
N LEU E 259 -19.05 17.76 5.93
CA LEU E 259 -18.01 17.08 6.70
C LEU E 259 -16.91 18.08 7.06
N GLY F 1 1.06 7.54 -6.53
CA GLY F 1 0.85 8.16 -7.83
C GLY F 1 2.04 8.97 -8.29
N THR F 2 2.67 8.49 -9.36
CA THR F 2 3.84 9.17 -9.91
C THR F 2 3.43 10.32 -10.80
N PHE F 3 4.29 11.34 -10.87
CA PHE F 3 4.04 12.45 -11.79
C PHE F 3 4.08 11.94 -13.22
N THR F 4 3.29 12.60 -14.08
CA THR F 4 3.15 12.21 -15.47
C THR F 4 3.21 13.36 -16.46
N TRP F 5 3.20 14.62 -16.01
CA TRP F 5 3.04 15.75 -16.91
C TRP F 5 4.21 15.87 -17.87
N THR F 6 3.99 15.54 -19.13
CA THR F 6 4.98 15.77 -20.17
C THR F 6 4.92 17.23 -20.59
N LEU F 7 6.01 17.94 -20.36
CA LEU F 7 6.11 19.36 -20.69
C LEU F 7 5.89 19.58 -22.19
N SER F 8 5.67 20.86 -22.53
CA SER F 8 5.43 21.28 -23.91
C SER F 8 6.25 22.53 -24.19
N ASP F 9 6.56 22.74 -25.46
CA ASP F 9 7.33 23.90 -25.89
C ASP F 9 6.98 24.25 -27.34
N TYR F 19 13.25 22.23 -23.70
CA TYR F 19 12.48 23.40 -23.32
C TYR F 19 13.43 24.60 -23.34
N CYS F 20 12.89 25.75 -23.76
CA CYS F 20 13.64 26.99 -23.86
C CYS F 20 13.06 27.96 -22.84
N LEU F 21 13.92 28.48 -21.97
CA LEU F 21 13.48 29.33 -20.88
C LEU F 21 13.07 30.70 -21.40
N THR F 22 12.30 31.42 -20.59
CA THR F 22 11.78 32.75 -20.94
C THR F 22 12.39 33.76 -20.00
N ARG F 23 12.54 35.00 -20.48
CA ARG F 23 13.20 36.05 -19.71
C ARG F 23 12.44 36.36 -18.43
N TRP F 24 11.10 36.37 -18.50
CA TRP F 24 10.28 36.70 -17.33
C TRP F 24 10.49 35.71 -16.19
N MET F 25 10.66 34.43 -16.52
CA MET F 25 10.80 33.39 -15.51
C MET F 25 11.99 33.62 -14.59
N LEU F 26 13.08 34.19 -15.13
CA LEU F 26 14.31 34.35 -14.36
C LEU F 26 14.31 35.70 -13.65
N ILE F 27 15.27 35.87 -12.73
CA ILE F 27 15.39 37.11 -11.97
C ILE F 27 16.21 38.14 -12.73
N GLU F 28 17.24 37.71 -13.43
CA GLU F 28 18.02 38.54 -14.34
C GLU F 28 17.59 38.12 -15.74
N ALA F 29 17.01 39.07 -16.48
CA ALA F 29 16.34 38.76 -17.73
C ALA F 29 17.38 38.30 -18.76
N GLU F 30 17.34 37.01 -19.07
CA GLU F 30 18.24 36.39 -20.03
C GLU F 30 17.44 35.45 -20.91
N LEU F 31 17.96 35.23 -22.13
CA LEU F 31 17.39 34.24 -23.04
C LEU F 31 18.07 32.88 -22.83
N LYS F 32 17.97 32.40 -21.59
CA LYS F 32 18.47 31.07 -21.28
C LYS F 32 17.67 30.03 -22.04
N CYS F 33 18.34 28.97 -22.49
CA CYS F 33 17.69 27.97 -23.32
C CYS F 33 18.46 26.68 -23.15
N PHE F 34 17.75 25.55 -23.24
CA PHE F 34 18.31 24.24 -22.93
C PHE F 34 18.05 23.27 -24.07
N GLY F 35 19.02 22.41 -24.33
CA GLY F 35 18.88 21.43 -25.39
C GLY F 35 17.85 20.37 -25.07
N ASN F 36 17.23 19.84 -26.12
CA ASN F 36 16.19 18.84 -25.94
C ASN F 36 16.74 17.55 -25.35
N THR F 37 17.99 17.22 -25.64
CA THR F 37 18.58 15.98 -25.12
C THR F 37 18.68 16.03 -23.60
N ALA F 38 19.09 17.18 -23.04
CA ALA F 38 19.19 17.27 -21.59
C ALA F 38 17.82 17.30 -20.94
N VAL F 39 16.90 18.09 -21.49
CA VAL F 39 15.56 18.22 -20.91
C VAL F 39 14.78 16.92 -21.03
N ALA F 40 15.11 16.05 -21.99
CA ALA F 40 14.43 14.78 -22.13
C ALA F 40 14.59 13.88 -20.92
N LYS F 41 15.66 14.07 -20.13
CA LYS F 41 15.85 13.28 -18.92
C LYS F 41 14.78 13.56 -17.88
N CYS F 42 14.10 14.71 -17.94
CA CYS F 42 13.08 15.03 -16.95
C CYS F 42 11.91 14.05 -17.00
N ASN F 43 11.64 13.47 -18.18
CA ASN F 43 10.50 12.57 -18.29
C ASN F 43 10.67 11.31 -17.48
N GLU F 44 11.91 10.84 -17.30
CA GLU F 44 12.19 9.57 -16.63
C GLU F 44 12.71 9.73 -15.20
N LYS F 45 13.49 10.76 -14.92
CA LYS F 45 14.10 10.93 -13.59
C LYS F 45 13.10 11.59 -12.63
N HIS F 46 13.14 11.14 -11.38
CA HIS F 46 12.17 11.52 -10.36
C HIS F 46 12.73 12.47 -9.30
N ASP F 47 13.95 12.24 -8.83
CA ASP F 47 14.47 13.01 -7.71
C ASP F 47 14.83 14.45 -8.07
N GLU F 48 14.79 14.83 -9.34
CA GLU F 48 15.28 16.14 -9.74
C GLU F 48 14.36 17.26 -9.28
N GLU F 49 14.96 18.40 -8.93
CA GLU F 49 14.23 19.59 -8.51
C GLU F 49 13.91 20.51 -9.68
N PHE F 50 14.87 20.73 -10.57
CA PHE F 50 14.67 21.65 -11.67
C PHE F 50 13.54 21.21 -12.59
N CYS F 51 13.43 19.90 -12.82
CA CYS F 51 12.39 19.39 -13.71
C CYS F 51 11.00 19.67 -13.14
N ASP F 52 10.84 19.52 -11.82
CA ASP F 52 9.53 19.74 -11.22
C ASP F 52 9.13 21.22 -11.28
N MET F 53 10.05 22.12 -10.97
CA MET F 53 9.76 23.54 -11.09
C MET F 53 9.46 23.92 -12.54
N LEU F 54 10.20 23.34 -13.48
CA LEU F 54 9.92 23.65 -14.88
C LEU F 54 8.56 23.12 -15.31
N ARG F 55 8.15 21.96 -14.78
CA ARG F 55 6.79 21.48 -15.03
C ARG F 55 5.76 22.45 -14.47
N LEU F 56 5.99 22.97 -13.25
CA LEU F 56 5.08 23.95 -12.68
C LEU F 56 5.03 25.20 -13.55
N PHE F 57 6.19 25.65 -14.05
CA PHE F 57 6.24 26.86 -14.86
C PHE F 57 5.49 26.66 -16.17
N ASP F 58 5.66 25.51 -16.80
CA ASP F 58 4.92 25.20 -18.02
C ASP F 58 3.43 25.15 -17.75
N PHE F 59 3.03 24.54 -16.62
CA PHE F 59 1.62 24.49 -16.28
C PHE F 59 1.04 25.89 -16.06
N ASN F 60 1.79 26.75 -15.38
CA ASN F 60 1.35 28.13 -15.19
C ASN F 60 1.24 28.86 -16.52
N LYS F 61 2.18 28.60 -17.42
CA LYS F 61 2.14 29.23 -18.74
C LYS F 61 0.89 28.82 -19.50
N GLN F 62 0.58 27.51 -19.52
CA GLN F 62 -0.61 27.04 -20.23
C GLN F 62 -1.88 27.59 -19.60
N ALA F 63 -1.95 27.58 -18.26
CA ALA F 63 -3.16 28.03 -17.58
C ALA F 63 -3.40 29.51 -17.79
N ILE F 64 -2.36 30.33 -17.61
CA ILE F 64 -2.55 31.76 -17.76
C ILE F 64 -2.78 32.11 -19.23
N GLN F 65 -2.20 31.33 -20.16
CA GLN F 65 -2.29 31.68 -21.57
C GLN F 65 -3.69 31.40 -22.10
N ARG F 66 -4.11 30.12 -22.07
CA ARG F 66 -5.31 29.71 -22.78
C ARG F 66 -6.54 29.56 -21.90
N LEU F 67 -6.38 29.16 -20.65
CA LEU F 67 -7.53 28.93 -19.77
C LEU F 67 -7.90 30.22 -19.04
N LYS F 68 -9.19 30.50 -18.99
CA LYS F 68 -9.71 31.68 -18.31
C LYS F 68 -10.10 31.32 -16.88
N MET F 73 -8.92 34.33 -8.42
CA MET F 73 -8.39 33.08 -8.97
C MET F 73 -8.71 31.90 -8.05
N SER F 74 -8.82 30.72 -8.63
CA SER F 74 -9.26 29.52 -7.93
C SER F 74 -8.06 28.63 -7.63
N ILE F 75 -8.04 28.10 -6.40
CA ILE F 75 -6.94 27.24 -5.94
C ILE F 75 -7.20 25.77 -6.23
N GLN F 76 -8.44 25.38 -6.55
CA GLN F 76 -8.76 23.96 -6.70
C GLN F 76 -7.99 23.32 -7.85
N LEU F 77 -7.70 24.08 -8.90
CA LEU F 77 -7.02 23.53 -10.07
C LEU F 77 -5.65 23.00 -9.71
N ILE F 78 -4.78 23.86 -9.17
CA ILE F 78 -3.46 23.38 -8.77
C ILE F 78 -3.57 22.39 -7.62
N ASN F 79 -4.56 22.56 -6.75
CA ASN F 79 -4.67 21.68 -5.59
C ASN F 79 -4.96 20.25 -6.03
N LYS F 80 -5.70 20.06 -7.12
CA LYS F 80 -5.91 18.71 -7.65
C LYS F 80 -4.80 18.27 -8.59
N ALA F 81 -4.15 19.19 -9.31
CA ALA F 81 -3.19 18.82 -10.35
C ALA F 81 -1.74 18.98 -9.92
N VAL F 82 -1.45 19.17 -8.62
CA VAL F 82 -0.07 19.40 -8.18
C VAL F 82 0.79 18.16 -8.44
N ASN F 83 0.28 16.98 -8.17
CA ASN F 83 1.12 15.80 -8.17
C ASN F 83 1.44 15.30 -9.58
N ALA F 84 0.77 15.81 -10.61
CA ALA F 84 1.23 15.58 -11.98
C ALA F 84 2.46 16.42 -12.29
N LEU F 85 2.58 17.59 -11.67
CA LEU F 85 3.62 18.56 -11.99
C LEU F 85 4.86 18.38 -11.12
N ILE F 86 4.68 18.26 -9.81
CA ILE F 86 5.77 18.08 -8.85
C ILE F 86 5.46 16.90 -7.95
N ASN F 87 6.45 16.04 -7.75
CA ASN F 87 6.37 14.99 -6.75
C ASN F 87 6.44 15.65 -5.37
N ASP F 88 5.32 15.61 -4.63
CA ASP F 88 5.28 16.26 -3.32
C ASP F 88 6.28 15.61 -2.37
N GLN F 89 6.59 14.33 -2.57
CA GLN F 89 7.53 13.67 -1.67
C GLN F 89 8.95 14.19 -1.84
N LEU F 90 9.26 14.83 -2.97
CA LEU F 90 10.52 15.55 -3.08
C LEU F 90 10.55 16.73 -2.12
N ILE F 91 9.44 17.47 -2.02
CA ILE F 91 9.36 18.56 -1.05
C ILE F 91 9.47 18.00 0.35
N MET F 92 8.87 16.83 0.58
CA MET F 92 9.00 16.17 1.88
C MET F 92 10.46 15.84 2.19
N LYS F 93 11.19 15.30 1.20
CA LYS F 93 12.59 14.97 1.39
C LYS F 93 13.43 16.20 1.67
N ASN F 94 13.16 17.30 0.97
CA ASN F 94 13.88 18.54 1.26
C ASN F 94 13.56 19.05 2.67
N HIS F 95 12.32 18.90 3.12
CA HIS F 95 12.00 19.29 4.49
C HIS F 95 12.75 18.43 5.50
N LEU F 96 12.84 17.12 5.24
CA LEU F 96 13.61 16.24 6.11
C LEU F 96 15.07 16.65 6.14
N ARG F 97 15.63 17.03 5.00
CA ARG F 97 16.99 17.56 4.98
C ARG F 97 17.07 18.86 5.78
N ASP F 98 16.01 19.67 5.73
CA ASP F 98 16.02 20.97 6.39
C ASP F 98 16.04 20.81 7.90
N ILE F 99 15.24 19.89 8.44
CA ILE F 99 15.16 19.79 9.90
C ILE F 99 16.49 19.30 10.47
N MET F 100 17.18 18.41 9.76
CA MET F 100 18.58 18.14 10.08
C MET F 100 19.44 19.32 9.63
N CYS F 101 20.62 19.42 10.24
CA CYS F 101 21.59 20.44 9.86
C CYS F 101 22.31 20.15 8.55
N ILE F 102 22.00 19.05 7.88
CA ILE F 102 22.53 18.77 6.55
C ILE F 102 21.99 19.85 5.63
N PRO F 103 22.71 20.32 4.61
CA PRO F 103 22.14 21.35 3.72
C PRO F 103 20.92 20.84 2.97
N TYR F 104 20.01 21.77 2.68
CA TYR F 104 18.75 21.51 2.00
C TYR F 104 18.70 22.32 0.71
N CYS F 105 17.64 22.09 -0.07
CA CYS F 105 17.47 22.74 -1.36
C CYS F 105 16.50 23.91 -1.24
N ASN F 106 16.94 25.09 -1.67
CA ASN F 106 16.13 26.30 -1.59
C ASN F 106 15.05 26.33 -2.67
N TYR F 107 15.26 25.63 -3.80
CA TYR F 107 14.52 25.77 -5.06
C TYR F 107 14.71 27.14 -5.70
N SER F 108 15.68 27.93 -5.24
CA SER F 108 15.86 29.31 -5.67
C SER F 108 16.97 29.43 -6.72
N LYS F 109 18.19 29.02 -6.37
CA LYS F 109 19.35 29.10 -7.25
C LYS F 109 19.72 27.71 -7.73
N TYR F 110 20.03 27.61 -9.03
CA TYR F 110 20.34 26.34 -9.69
C TYR F 110 21.62 26.49 -10.49
N TRP F 111 22.34 25.38 -10.65
CA TRP F 111 23.66 25.36 -11.25
C TRP F 111 23.73 24.29 -12.34
N TYR F 112 24.65 24.49 -13.27
CA TYR F 112 24.87 23.55 -14.36
C TYR F 112 26.19 23.87 -15.04
N LEU F 113 26.71 22.87 -15.75
CA LEU F 113 27.96 22.99 -16.50
C LEU F 113 27.60 23.25 -17.96
N ASN F 114 27.90 24.45 -18.44
CA ASN F 114 27.69 24.80 -19.84
C ASN F 114 28.97 24.57 -20.63
N HIS F 115 28.85 23.80 -21.71
CA HIS F 115 29.96 23.58 -22.64
C HIS F 115 29.94 24.73 -23.64
N THR F 116 30.87 25.67 -23.46
CA THR F 116 30.86 26.91 -24.22
C THR F 116 31.08 26.65 -25.71
N THR F 117 31.97 25.73 -26.06
CA THR F 117 32.36 25.56 -27.46
C THR F 117 31.23 24.95 -28.27
N THR F 118 30.84 23.72 -27.95
CA THR F 118 29.79 23.03 -28.72
C THR F 118 28.38 23.42 -28.27
N GLY F 119 28.22 24.07 -27.11
CA GLY F 119 26.94 24.59 -26.68
C GLY F 119 26.08 23.62 -25.90
N ARG F 120 26.40 22.33 -25.90
CA ARG F 120 25.60 21.37 -25.16
C ARG F 120 25.76 21.60 -23.66
N THR F 121 24.81 21.07 -22.89
CA THR F 121 24.69 21.41 -21.48
C THR F 121 23.96 20.27 -20.77
N SER F 122 24.40 19.99 -19.54
CA SER F 122 23.80 18.94 -18.73
C SER F 122 22.58 19.47 -17.99
N LEU F 123 21.81 18.55 -17.42
CA LEU F 123 20.62 18.92 -16.67
C LEU F 123 21.03 19.66 -15.40
N PRO F 124 20.50 20.86 -15.12
CA PRO F 124 20.90 21.55 -13.90
C PRO F 124 20.40 20.85 -12.65
N LYS F 125 21.11 21.10 -11.54
CA LYS F 125 20.72 20.69 -10.21
C LYS F 125 20.62 21.92 -9.32
N CYS F 126 19.80 21.83 -8.28
CA CYS F 126 19.56 22.97 -7.42
C CYS F 126 20.73 23.17 -6.46
N TRP F 127 21.17 24.43 -6.33
CA TRP F 127 22.25 24.76 -5.43
C TRP F 127 21.77 24.67 -3.99
N LEU F 128 22.51 23.95 -3.15
CA LEU F 128 22.07 23.71 -1.79
C LEU F 128 22.29 24.95 -0.93
N VAL F 129 21.60 24.98 0.21
CA VAL F 129 21.66 26.11 1.14
C VAL F 129 21.74 25.56 2.56
N SER F 130 22.50 26.26 3.41
CA SER F 130 22.63 25.90 4.82
C SER F 130 22.86 27.16 5.63
N ASN F 131 22.07 27.33 6.68
CA ASN F 131 22.16 28.49 7.58
C ASN F 131 21.94 29.80 6.84
N GLY F 132 21.07 29.78 5.82
CA GLY F 132 20.71 30.98 5.10
C GLY F 132 21.66 31.42 4.01
N SER F 133 22.75 30.68 3.78
CA SER F 133 23.72 31.01 2.75
C SER F 133 24.05 29.77 1.94
N TYR F 134 24.37 29.98 0.67
CA TYR F 134 24.69 28.88 -0.22
C TYR F 134 26.13 28.44 -0.02
N LEU F 135 26.43 27.25 -0.54
CA LEU F 135 27.76 26.66 -0.43
C LEU F 135 28.58 27.07 -1.65
N ASN F 136 29.66 27.82 -1.43
CA ASN F 136 30.42 28.43 -2.53
C ASN F 136 31.38 27.41 -3.13
N GLU F 137 30.80 26.45 -3.83
CA GLU F 137 31.50 25.59 -4.79
C GLU F 137 32.63 24.78 -4.15
N THR F 138 32.55 24.53 -2.84
CA THR F 138 33.59 23.81 -2.08
C THR F 138 33.05 22.62 -1.31
N HIS F 139 31.83 22.70 -0.79
CA HIS F 139 31.26 21.56 -0.09
C HIS F 139 30.75 20.49 -1.05
N PHE F 140 30.31 20.88 -2.25
CA PHE F 140 29.67 19.98 -3.19
C PHE F 140 30.37 19.98 -4.55
N SER F 141 31.66 20.34 -4.59
CA SER F 141 32.39 20.29 -5.86
C SER F 141 32.55 18.86 -6.35
N ASP F 142 32.52 17.88 -5.45
CA ASP F 142 32.58 16.48 -5.88
C ASP F 142 31.35 16.12 -6.69
N ASP F 143 30.19 16.66 -6.32
CA ASP F 143 28.98 16.42 -7.11
C ASP F 143 29.12 17.02 -8.51
N ILE F 144 29.74 18.20 -8.60
CA ILE F 144 29.98 18.80 -9.91
C ILE F 144 30.95 17.95 -10.71
N GLU F 145 31.96 17.38 -10.05
CA GLU F 145 32.90 16.51 -10.73
C GLU F 145 32.19 15.26 -11.28
N GLN F 146 31.28 14.69 -10.49
CA GLN F 146 30.53 13.53 -10.97
C GLN F 146 29.64 13.90 -12.14
N GLN F 147 29.01 15.08 -12.09
CA GLN F 147 28.20 15.54 -13.21
C GLN F 147 29.05 15.73 -14.46
N ALA F 148 30.25 16.29 -14.30
CA ALA F 148 31.15 16.45 -15.45
C ALA F 148 31.57 15.09 -16.00
N ASP F 149 31.79 14.11 -15.12
CA ASP F 149 32.12 12.77 -15.57
C ASP F 149 30.97 12.17 -16.36
N ASN F 150 29.73 12.38 -15.92
CA ASN F 150 28.57 11.92 -16.69
C ASN F 150 28.50 12.64 -18.04
N MET F 151 28.84 13.93 -18.06
CA MET F 151 28.81 14.68 -19.31
C MET F 151 29.85 14.11 -20.28
N ILE F 152 31.03 13.78 -19.77
CA ILE F 152 32.05 13.11 -20.59
C ILE F 152 31.54 11.75 -21.06
N THR F 153 30.78 11.05 -20.22
CA THR F 153 30.22 9.77 -20.61
C THR F 153 29.23 9.94 -21.76
N GLU F 154 28.52 11.08 -21.81
CA GLU F 154 27.63 11.32 -22.94
C GLU F 154 28.40 11.44 -24.25
N MET F 155 29.63 11.95 -24.19
CA MET F 155 30.48 11.99 -25.40
C MET F 155 30.75 10.57 -25.90
N GLY G 1 2.79 9.61 -5.13
CA GLY G 1 4.14 10.12 -5.28
C GLY G 1 5.15 9.03 -5.58
N THR G 2 6.42 9.33 -5.33
CA THR G 2 7.50 8.37 -5.56
C THR G 2 8.59 8.64 -4.54
N PHE G 3 9.37 7.60 -4.24
CA PHE G 3 10.46 7.72 -3.27
C PHE G 3 11.47 8.74 -3.75
N THR G 4 12.05 9.48 -2.79
CA THR G 4 13.04 10.51 -3.08
C THR G 4 14.23 10.49 -2.12
N TRP G 5 14.19 9.71 -1.04
CA TRP G 5 15.30 9.65 -0.12
C TRP G 5 16.55 9.12 -0.80
N THR G 6 17.67 9.82 -0.60
CA THR G 6 18.96 9.40 -1.12
C THR G 6 19.67 8.54 -0.09
N LEU G 7 20.45 7.58 -0.57
CA LEU G 7 21.11 6.60 0.27
C LEU G 7 22.52 7.11 0.60
N SER G 8 22.79 7.33 1.88
CA SER G 8 24.06 7.87 2.30
C SER G 8 25.18 6.84 2.09
N ASP G 9 26.38 7.34 1.85
CA ASP G 9 27.55 6.48 1.66
C ASP G 9 27.84 5.83 3.02
N TYR G 19 25.91 1.86 0.31
CA TYR G 19 25.43 1.88 1.69
C TYR G 19 25.70 0.55 2.37
N CYS G 20 26.79 0.51 3.13
CA CYS G 20 27.32 -0.73 3.70
C CYS G 20 26.78 -0.94 5.11
N LEU G 21 26.28 -2.15 5.38
CA LEU G 21 25.57 -2.46 6.60
C LEU G 21 26.53 -3.07 7.62
N THR G 22 26.01 -3.31 8.83
CA THR G 22 26.80 -3.84 9.94
C THR G 22 25.95 -4.80 10.75
N ARG G 23 26.59 -5.45 11.74
CA ARG G 23 25.85 -6.29 12.68
C ARG G 23 24.85 -5.50 13.51
N TRP G 24 25.06 -4.19 13.69
CA TRP G 24 24.11 -3.39 14.43
C TRP G 24 22.75 -3.34 13.75
N MET G 25 22.71 -3.58 12.42
CA MET G 25 21.53 -3.52 11.58
C MET G 25 21.39 -4.77 10.72
N LEU G 26 21.96 -5.88 11.15
CA LEU G 26 21.94 -7.13 10.40
C LEU G 26 22.08 -8.28 11.40
N ILE G 27 21.40 -9.40 11.13
CA ILE G 27 21.17 -10.37 12.19
C ILE G 27 22.35 -11.32 12.37
N GLU G 28 22.89 -11.87 11.28
CA GLU G 28 23.94 -12.89 11.33
C GLU G 28 25.25 -12.43 10.71
N ALA G 29 25.24 -12.00 9.45
CA ALA G 29 26.48 -11.60 8.81
C ALA G 29 26.96 -10.28 9.40
N GLU G 30 28.20 -9.92 9.06
CA GLU G 30 28.84 -8.72 9.58
C GLU G 30 29.52 -7.98 8.43
N LEU G 31 29.34 -6.66 8.41
CA LEU G 31 30.04 -5.75 7.50
C LEU G 31 29.76 -6.12 6.04
N LYS G 32 28.52 -6.52 5.75
CA LYS G 32 28.11 -6.68 4.36
C LYS G 32 28.08 -5.29 3.72
N CYS G 33 28.97 -5.10 2.74
CA CYS G 33 29.22 -3.80 2.12
C CYS G 33 29.03 -3.93 0.61
N PHE G 34 28.18 -3.08 0.05
CA PHE G 34 27.78 -3.15 -1.36
C PHE G 34 28.51 -2.10 -2.17
N GLY G 35 28.87 -2.45 -3.40
CA GLY G 35 29.52 -1.50 -4.28
C GLY G 35 28.59 -0.35 -4.61
N ASN G 36 29.20 0.82 -4.84
CA ASN G 36 28.40 2.02 -5.14
C ASN G 36 27.60 1.85 -6.42
N THR G 37 28.18 1.19 -7.42
CA THR G 37 27.47 0.95 -8.67
C THR G 37 26.24 0.08 -8.46
N ALA G 38 26.33 -0.90 -7.56
CA ALA G 38 25.20 -1.79 -7.32
C ALA G 38 24.05 -1.04 -6.66
N VAL G 39 24.34 -0.29 -5.59
CA VAL G 39 23.28 0.43 -4.89
C VAL G 39 22.77 1.60 -5.73
N ALA G 40 23.54 2.06 -6.72
CA ALA G 40 23.08 3.14 -7.59
C ALA G 40 21.85 2.77 -8.40
N LYS G 41 21.56 1.48 -8.57
CA LYS G 41 20.36 1.06 -9.29
C LYS G 41 19.08 1.50 -8.59
N CYS G 42 19.13 1.73 -7.27
CA CYS G 42 17.91 2.07 -6.55
C CYS G 42 17.35 3.42 -6.96
N ASN G 43 18.19 4.32 -7.47
CA ASN G 43 17.70 5.62 -7.93
C ASN G 43 16.72 5.45 -9.09
N GLU G 44 17.00 4.52 -10.00
CA GLU G 44 16.16 4.34 -11.18
C GLU G 44 14.98 3.43 -10.87
N LYS G 45 15.22 2.25 -10.33
CA LYS G 45 14.17 1.25 -10.17
C LYS G 45 13.16 1.69 -9.11
N HIS G 46 11.93 1.21 -9.24
CA HIS G 46 10.80 1.64 -8.42
C HIS G 46 10.03 0.53 -7.73
N ASP G 47 10.27 -0.75 -8.09
CA ASP G 47 9.41 -1.86 -7.68
C ASP G 47 10.25 -2.99 -7.09
N GLU G 48 11.13 -2.64 -6.14
CA GLU G 48 11.90 -3.61 -5.40
C GLU G 48 12.01 -3.19 -3.94
N GLU G 49 12.17 -4.19 -3.08
CA GLU G 49 12.05 -4.02 -1.64
C GLU G 49 13.36 -3.59 -1.00
N PHE G 50 14.50 -3.94 -1.61
CA PHE G 50 15.80 -3.64 -1.05
C PHE G 50 15.99 -2.14 -0.89
N CYS G 51 15.55 -1.37 -1.89
CA CYS G 51 15.67 0.07 -1.82
C CYS G 51 14.88 0.63 -0.64
N ASP G 52 13.68 0.09 -0.42
CA ASP G 52 12.87 0.52 0.73
C ASP G 52 13.58 0.19 2.04
N MET G 53 14.16 -1.01 2.16
CA MET G 53 14.85 -1.36 3.39
C MET G 53 16.05 -0.46 3.66
N LEU G 54 16.86 -0.19 2.64
CA LEU G 54 18.00 0.70 2.86
C LEU G 54 17.56 2.12 3.13
N ARG G 55 16.46 2.59 2.53
CA ARG G 55 15.96 3.92 2.92
C ARG G 55 15.53 3.94 4.38
N LEU G 56 14.87 2.87 4.81
CA LEU G 56 14.45 2.74 6.21
C LEU G 56 15.64 2.80 7.14
N PHE G 57 16.66 2.00 6.85
CA PHE G 57 17.84 1.95 7.72
C PHE G 57 18.63 3.26 7.64
N ASP G 58 18.58 3.92 6.48
CA ASP G 58 19.24 5.21 6.32
C ASP G 58 18.68 6.23 7.28
N PHE G 59 17.36 6.52 7.20
CA PHE G 59 16.92 7.55 8.13
C PHE G 59 16.83 7.01 9.56
N ASN G 60 16.89 5.68 9.76
CA ASN G 60 17.11 5.18 11.11
C ASN G 60 18.42 5.72 11.68
N LYS G 61 19.51 5.56 10.93
CA LYS G 61 20.80 6.09 11.39
C LYS G 61 20.75 7.60 11.51
N GLN G 62 20.11 8.27 10.56
CA GLN G 62 20.05 9.73 10.57
C GLN G 62 19.04 10.27 11.58
N ALA G 63 18.24 9.41 12.22
CA ALA G 63 17.32 9.82 13.28
C ALA G 63 17.85 9.52 14.68
N ILE G 64 18.45 8.34 14.89
CA ILE G 64 19.05 8.07 16.19
C ILE G 64 20.22 9.01 16.43
N GLN G 65 20.97 9.32 15.37
CA GLN G 65 21.96 10.39 15.35
C GLN G 65 21.31 11.63 14.76
N ARG G 66 21.91 12.79 15.08
CA ARG G 66 21.54 14.09 14.52
C ARG G 66 20.19 14.61 15.02
N LEU G 67 19.49 13.88 15.90
CA LEU G 67 18.18 14.31 16.37
C LEU G 67 17.96 13.76 17.78
N LYS G 68 17.01 14.36 18.47
CA LYS G 68 16.70 13.97 19.85
C LYS G 68 15.40 14.63 20.32
N MET G 73 10.50 8.81 21.19
CA MET G 73 9.93 7.87 20.22
C MET G 73 8.79 8.51 19.42
N SER G 74 8.92 9.81 19.16
CA SER G 74 7.89 10.57 18.44
C SER G 74 7.61 9.98 17.07
N ILE G 75 6.40 9.44 16.89
CA ILE G 75 6.06 8.73 15.66
C ILE G 75 5.64 9.69 14.54
N GLN G 76 5.41 10.97 14.86
CA GLN G 76 4.97 11.93 13.86
C GLN G 76 5.95 12.04 12.71
N LEU G 77 7.25 11.94 13.01
CA LEU G 77 8.28 12.02 11.98
C LEU G 77 8.10 10.94 10.91
N ILE G 78 7.55 9.79 11.30
CA ILE G 78 7.26 8.73 10.34
C ILE G 78 5.87 8.87 9.75
N ASN G 79 4.95 9.49 10.48
CA ASN G 79 3.61 9.63 9.95
C ASN G 79 3.55 10.61 8.79
N LYS G 80 4.54 11.49 8.65
CA LYS G 80 4.58 12.45 7.55
C LYS G 80 5.25 11.89 6.30
N ALA G 81 6.46 11.36 6.44
CA ALA G 81 7.33 11.03 5.32
C ALA G 81 7.32 9.56 4.96
N VAL G 82 6.18 8.87 5.11
CA VAL G 82 6.15 7.45 4.79
C VAL G 82 6.31 7.21 3.30
N ASN G 83 5.74 8.08 2.46
CA ASN G 83 5.81 7.89 1.01
C ASN G 83 7.14 8.36 0.44
N ALA G 84 7.72 9.41 1.02
CA ALA G 84 9.04 9.85 0.58
C ALA G 84 10.13 8.83 0.90
N LEU G 85 9.90 7.98 1.90
CA LEU G 85 10.93 7.14 2.49
C LEU G 85 10.76 5.67 2.16
N ILE G 86 9.57 5.23 1.78
CA ILE G 86 9.33 3.90 1.22
C ILE G 86 8.24 4.02 0.16
N ASN G 87 7.91 2.91 -0.50
CA ASN G 87 6.79 2.82 -1.43
C ASN G 87 5.78 1.85 -0.83
N ASP G 88 4.70 2.39 -0.26
CA ASP G 88 3.70 1.56 0.41
C ASP G 88 3.01 0.63 -0.57
N GLN G 89 2.94 1.01 -1.85
CA GLN G 89 2.18 0.23 -2.82
C GLN G 89 2.80 -1.14 -3.05
N LEU G 90 4.11 -1.26 -2.88
CA LEU G 90 4.76 -2.56 -2.99
C LEU G 90 4.40 -3.45 -1.80
N ILE G 91 4.31 -2.86 -0.61
CA ILE G 91 3.86 -3.60 0.57
C ILE G 91 2.43 -4.10 0.37
N MET G 92 1.57 -3.23 -0.14
CA MET G 92 0.19 -3.62 -0.40
C MET G 92 0.08 -4.64 -1.53
N LYS G 93 0.97 -4.56 -2.52
CA LYS G 93 1.04 -5.57 -3.56
C LYS G 93 1.38 -6.94 -2.97
N ASN G 94 2.38 -6.96 -2.08
CA ASN G 94 2.75 -8.23 -1.46
C ASN G 94 1.66 -8.75 -0.54
N HIS G 95 0.90 -7.84 0.09
CA HIS G 95 -0.25 -8.30 0.88
C HIS G 95 -1.30 -8.95 0.00
N LEU G 96 -1.59 -8.35 -1.17
CA LEU G 96 -2.51 -8.99 -2.11
C LEU G 96 -1.97 -10.33 -2.59
N ARG G 97 -0.65 -10.42 -2.77
CA ARG G 97 -0.04 -11.71 -3.11
C ARG G 97 -0.29 -12.72 -2.01
N ASP G 98 -0.17 -12.30 -0.76
CA ASP G 98 -0.39 -13.19 0.37
C ASP G 98 -1.84 -13.68 0.41
N ILE G 99 -2.79 -12.77 0.15
CA ILE G 99 -4.19 -13.17 0.07
C ILE G 99 -4.39 -14.18 -1.06
N MET G 100 -3.80 -13.90 -2.23
CA MET G 100 -3.92 -14.82 -3.36
C MET G 100 -3.13 -16.10 -3.17
N CYS G 101 -2.27 -16.19 -2.15
CA CYS G 101 -1.39 -17.34 -1.92
C CYS G 101 -0.38 -17.54 -3.04
N ILE G 102 -0.12 -16.49 -3.82
CA ILE G 102 0.98 -16.47 -4.78
C ILE G 102 2.22 -16.33 -3.90
N PRO G 103 3.42 -16.77 -4.31
CA PRO G 103 4.61 -16.51 -3.49
C PRO G 103 4.83 -15.01 -3.33
N TYR G 104 5.21 -14.61 -2.12
CA TYR G 104 5.31 -13.21 -1.74
C TYR G 104 6.63 -13.00 -1.00
N CYS G 105 6.84 -11.77 -0.55
CA CYS G 105 8.05 -11.38 0.17
C CYS G 105 7.62 -10.65 1.44
N ASN G 106 7.90 -11.24 2.61
CA ASN G 106 7.65 -10.59 3.88
C ASN G 106 8.82 -9.72 4.33
N TYR G 107 9.72 -9.36 3.41
CA TYR G 107 10.75 -8.34 3.66
C TYR G 107 11.74 -8.81 4.72
N SER G 108 12.11 -10.10 4.67
CA SER G 108 12.99 -10.71 5.66
C SER G 108 14.31 -11.18 5.07
N LYS G 109 14.30 -12.03 4.05
CA LYS G 109 15.51 -12.59 3.46
C LYS G 109 15.60 -12.22 1.99
N TYR G 110 16.79 -11.78 1.58
CA TYR G 110 17.05 -11.20 0.26
C TYR G 110 18.28 -11.87 -0.35
N TRP G 111 18.13 -12.35 -1.59
CA TRP G 111 19.16 -13.05 -2.32
C TRP G 111 19.82 -12.14 -3.36
N TYR G 112 21.00 -12.55 -3.80
CA TYR G 112 21.74 -11.85 -4.84
C TYR G 112 22.86 -12.75 -5.32
N LEU G 113 23.57 -12.28 -6.34
CA LEU G 113 24.70 -12.97 -6.94
C LEU G 113 25.99 -12.26 -6.58
N ASN G 114 27.03 -13.04 -6.29
CA ASN G 114 28.34 -12.53 -5.94
C ASN G 114 29.40 -13.35 -6.64
N HIS G 115 30.55 -12.72 -6.87
CA HIS G 115 31.73 -13.41 -7.36
C HIS G 115 32.97 -12.65 -6.93
N THR G 116 33.94 -13.38 -6.41
CA THR G 116 35.04 -12.81 -5.64
C THR G 116 36.24 -12.40 -6.52
N THR G 117 36.15 -12.59 -7.84
CA THR G 117 37.26 -12.19 -8.71
C THR G 117 37.48 -10.69 -8.65
N THR G 118 36.40 -9.90 -8.60
CA THR G 118 36.48 -8.48 -8.30
C THR G 118 35.42 -8.01 -7.32
N GLY G 119 34.42 -8.81 -6.99
CA GLY G 119 33.45 -8.47 -5.97
C GLY G 119 32.22 -7.73 -6.45
N ARG G 120 31.93 -7.75 -7.76
CA ARG G 120 30.69 -7.17 -8.23
C ARG G 120 29.51 -7.96 -7.70
N THR G 121 28.36 -7.29 -7.63
CA THR G 121 27.17 -7.89 -7.06
C THR G 121 25.92 -7.26 -7.67
N SER G 122 24.91 -8.09 -7.88
CA SER G 122 23.62 -7.59 -8.31
C SER G 122 22.93 -6.86 -7.17
N LEU G 123 21.97 -6.01 -7.53
CA LEU G 123 21.13 -5.41 -6.51
C LEU G 123 20.19 -6.51 -5.99
N PRO G 124 20.13 -6.76 -4.67
CA PRO G 124 19.37 -7.92 -4.21
C PRO G 124 17.88 -7.87 -4.51
N LYS G 125 17.28 -9.05 -4.58
CA LYS G 125 15.87 -9.26 -4.82
C LYS G 125 15.35 -10.17 -3.70
N CYS G 126 14.04 -10.09 -3.45
CA CYS G 126 13.44 -10.87 -2.37
C CYS G 126 13.59 -12.36 -2.62
N TRP G 127 13.94 -13.10 -1.56
CA TRP G 127 13.74 -14.54 -1.52
C TRP G 127 12.27 -14.77 -1.20
N LEU G 128 11.49 -15.19 -2.20
CA LEU G 128 10.07 -15.31 -2.00
C LEU G 128 9.74 -16.48 -1.07
N VAL G 129 8.63 -16.36 -0.37
CA VAL G 129 8.12 -17.38 0.54
C VAL G 129 6.77 -17.84 0.01
N SER G 130 6.60 -19.17 -0.11
CA SER G 130 5.43 -19.76 -0.75
C SER G 130 4.59 -20.58 0.21
N ASN G 131 5.18 -21.59 0.85
CA ASN G 131 4.45 -22.48 1.75
C ASN G 131 4.42 -21.98 3.19
N GLY G 132 4.98 -20.81 3.47
CA GLY G 132 5.29 -20.38 4.81
C GLY G 132 6.73 -20.63 5.21
N SER G 133 7.39 -21.56 4.54
CA SER G 133 8.84 -21.73 4.59
C SER G 133 9.45 -21.15 3.32
N TYR G 134 10.72 -20.79 3.40
CA TYR G 134 11.38 -20.11 2.30
C TYR G 134 11.43 -20.99 1.07
N LEU G 135 11.16 -20.39 -0.09
CA LEU G 135 11.05 -21.15 -1.32
C LEU G 135 12.43 -21.60 -1.78
N ASN G 136 12.55 -22.88 -2.10
CA ASN G 136 13.83 -23.43 -2.55
C ASN G 136 14.19 -22.84 -3.91
N GLU G 137 15.49 -22.81 -4.21
CA GLU G 137 15.98 -22.14 -5.40
C GLU G 137 15.50 -22.81 -6.70
N THR G 138 15.02 -24.06 -6.63
CA THR G 138 14.59 -24.74 -7.85
C THR G 138 13.38 -24.05 -8.46
N HIS G 139 12.45 -23.56 -7.62
CA HIS G 139 11.21 -23.00 -8.13
C HIS G 139 11.46 -21.71 -8.91
N PHE G 140 12.20 -20.77 -8.34
CA PHE G 140 12.49 -19.48 -8.97
C PHE G 140 13.85 -19.48 -9.67
N SER G 141 14.25 -20.63 -10.22
CA SER G 141 15.49 -20.69 -10.99
C SER G 141 15.45 -19.77 -12.21
N ASP G 142 14.26 -19.50 -12.75
CA ASP G 142 14.15 -18.65 -13.92
C ASP G 142 14.57 -17.21 -13.62
N ASP G 143 14.14 -16.67 -12.47
CA ASP G 143 14.43 -15.27 -12.17
C ASP G 143 15.91 -15.08 -11.84
N ILE G 144 16.49 -15.97 -11.06
CA ILE G 144 17.92 -15.91 -10.78
C ILE G 144 18.72 -16.13 -12.06
N GLU G 145 18.24 -16.99 -12.97
CA GLU G 145 18.90 -17.13 -14.26
C GLU G 145 18.84 -15.85 -15.08
N GLN G 146 17.70 -15.15 -15.03
CA GLN G 146 17.57 -13.86 -15.69
C GLN G 146 18.57 -12.86 -15.13
N GLN G 147 18.69 -12.82 -13.80
CA GLN G 147 19.66 -11.92 -13.19
C GLN G 147 21.08 -12.31 -13.59
N ALA G 148 21.35 -13.61 -13.69
CA ALA G 148 22.69 -14.08 -14.02
C ALA G 148 23.09 -13.67 -15.44
N ASP G 149 22.24 -13.96 -16.42
CA ASP G 149 22.58 -13.61 -17.80
C ASP G 149 22.31 -12.15 -18.14
N ASN G 150 21.73 -11.37 -17.22
CA ASN G 150 21.79 -9.92 -17.31
C ASN G 150 23.06 -9.36 -16.69
N MET G 151 23.66 -10.07 -15.73
CA MET G 151 24.92 -9.62 -15.15
C MET G 151 26.04 -9.57 -16.18
N ILE G 152 26.09 -10.56 -17.08
CA ILE G 152 27.16 -10.63 -18.06
C ILE G 152 27.18 -9.44 -19.01
N THR G 153 26.05 -8.75 -19.17
CA THR G 153 25.99 -7.54 -20.00
C THR G 153 26.61 -6.39 -19.20
N GLU G 154 27.94 -6.33 -19.21
CA GLU G 154 28.70 -5.22 -18.64
C GLU G 154 29.39 -4.37 -19.68
N MET G 155 29.48 -4.82 -20.94
CA MET G 155 30.13 -4.05 -21.99
C MET G 155 29.37 -2.76 -22.29
N GLY H 1 3.27 6.50 -4.73
CA GLY H 1 2.89 5.21 -5.28
C GLY H 1 3.37 5.01 -6.70
N THR H 2 3.62 3.75 -7.07
CA THR H 2 4.14 3.41 -8.39
C THR H 2 3.36 2.22 -8.97
N PHE H 3 3.80 1.73 -10.12
CA PHE H 3 3.11 0.62 -10.82
C PHE H 3 3.77 -0.72 -10.45
N THR H 4 3.69 -1.04 -9.16
CA THR H 4 4.37 -2.22 -8.63
C THR H 4 3.80 -3.52 -9.18
N TRP H 5 2.55 -3.53 -9.66
CA TRP H 5 1.93 -4.75 -10.15
C TRP H 5 2.65 -5.23 -11.40
N THR H 6 2.94 -6.53 -11.44
CA THR H 6 3.62 -7.14 -12.57
C THR H 6 2.60 -7.75 -13.54
N LEU H 7 3.08 -8.09 -14.73
CA LEU H 7 2.27 -8.65 -15.80
C LEU H 7 2.58 -10.14 -15.92
N SER H 8 1.56 -10.98 -15.76
CA SER H 8 1.76 -12.42 -15.87
C SER H 8 2.07 -12.80 -17.32
N ASP H 9 3.00 -13.73 -17.49
CA ASP H 9 3.41 -14.17 -18.83
C ASP H 9 2.29 -14.94 -19.51
N TYR H 19 2.98 -11.40 -22.25
CA TYR H 19 1.57 -11.38 -21.91
C TYR H 19 0.77 -11.38 -23.22
N CYS H 20 -0.44 -11.92 -23.17
CA CYS H 20 -1.21 -12.29 -24.37
C CYS H 20 -2.66 -11.92 -24.15
N LEU H 21 -3.20 -11.07 -25.02
CA LEU H 21 -4.58 -10.65 -24.96
C LEU H 21 -5.48 -11.71 -25.61
N THR H 22 -6.75 -11.71 -25.23
CA THR H 22 -7.67 -12.80 -25.52
C THR H 22 -8.80 -12.31 -26.42
N ARG H 23 -9.47 -13.25 -27.09
CA ARG H 23 -10.58 -12.92 -27.97
C ARG H 23 -11.70 -12.23 -27.21
N TRP H 24 -12.07 -12.76 -26.05
CA TRP H 24 -13.16 -12.17 -25.27
C TRP H 24 -12.81 -10.77 -24.78
N MET H 25 -11.52 -10.47 -24.64
CA MET H 25 -11.07 -9.21 -24.07
C MET H 25 -11.04 -8.07 -25.10
N LEU H 26 -11.28 -8.35 -26.38
CA LEU H 26 -11.32 -7.35 -27.44
C LEU H 26 -12.49 -7.66 -28.36
N ILE H 27 -12.76 -6.71 -29.26
CA ILE H 27 -13.82 -6.92 -30.29
C ILE H 27 -13.12 -6.92 -31.64
N GLU H 28 -13.54 -7.79 -32.57
CA GLU H 28 -12.90 -7.89 -33.91
C GLU H 28 -11.40 -8.12 -33.72
N ALA H 29 -11.02 -8.93 -32.73
CA ALA H 29 -9.59 -9.22 -32.48
C ALA H 29 -9.40 -10.73 -32.38
N GLU H 30 -8.33 -11.26 -32.96
CA GLU H 30 -8.16 -12.71 -32.97
C GLU H 30 -6.80 -13.02 -32.34
N LEU H 31 -6.79 -13.09 -31.01
CA LEU H 31 -5.62 -13.51 -30.22
C LEU H 31 -4.39 -12.66 -30.55
N LYS H 32 -4.61 -11.36 -30.72
CA LYS H 32 -3.48 -10.44 -30.88
C LYS H 32 -2.68 -10.42 -29.59
N CYS H 33 -1.38 -10.73 -29.68
CA CYS H 33 -0.54 -10.85 -28.49
C CYS H 33 0.86 -10.34 -28.82
N PHE H 34 1.47 -9.69 -27.84
CA PHE H 34 2.69 -8.92 -28.03
C PHE H 34 3.91 -9.69 -27.52
N GLY H 35 5.08 -9.26 -27.99
CA GLY H 35 6.32 -9.88 -27.57
C GLY H 35 6.75 -9.45 -26.19
N ASN H 36 7.67 -10.23 -25.61
CA ASN H 36 8.17 -9.91 -24.27
C ASN H 36 8.93 -8.60 -24.26
N THR H 37 9.78 -8.38 -25.26
CA THR H 37 10.53 -7.12 -25.33
C THR H 37 9.59 -5.94 -25.57
N ALA H 38 8.45 -6.16 -26.23
CA ALA H 38 7.49 -5.08 -26.43
C ALA H 38 6.93 -4.59 -25.11
N VAL H 39 6.60 -5.52 -24.19
CA VAL H 39 6.06 -5.17 -22.89
C VAL H 39 7.14 -4.97 -21.82
N ALA H 40 8.43 -5.14 -22.18
CA ALA H 40 9.48 -5.03 -21.18
C ALA H 40 9.57 -3.63 -20.61
N LYS H 41 9.29 -2.59 -21.42
CA LYS H 41 9.37 -1.22 -20.93
C LYS H 41 8.26 -0.87 -19.94
N CYS H 42 7.24 -1.71 -19.79
CA CYS H 42 6.15 -1.40 -18.87
C CYS H 42 6.60 -1.35 -17.42
N ASN H 43 7.70 -2.01 -17.09
CA ASN H 43 8.27 -1.92 -15.75
C ASN H 43 9.10 -0.66 -15.53
N GLU H 44 9.20 0.24 -16.53
CA GLU H 44 9.99 1.45 -16.46
C GLU H 44 9.20 2.71 -16.81
N LYS H 45 8.26 2.63 -17.74
CA LYS H 45 7.58 3.82 -18.23
C LYS H 45 6.50 4.26 -17.25
N HIS H 46 6.46 5.56 -16.94
CA HIS H 46 5.52 6.14 -15.99
C HIS H 46 4.36 6.88 -16.65
N ASP H 47 4.30 6.95 -17.99
CA ASP H 47 3.30 7.71 -18.70
C ASP H 47 2.53 6.87 -19.73
N GLU H 48 2.70 5.55 -19.71
CA GLU H 48 2.09 4.68 -20.71
C GLU H 48 0.70 4.27 -20.28
N GLU H 49 -0.26 4.40 -21.21
CA GLU H 49 -1.63 3.96 -20.97
C GLU H 49 -1.79 2.48 -21.24
N PHE H 50 -1.06 1.98 -22.23
CA PHE H 50 -1.13 0.57 -22.61
C PHE H 50 -0.72 -0.33 -21.46
N CYS H 51 0.38 0.00 -20.80
CA CYS H 51 0.85 -0.82 -19.70
C CYS H 51 -0.14 -0.78 -18.54
N ASP H 52 -0.75 0.37 -18.29
CA ASP H 52 -1.81 0.46 -17.29
C ASP H 52 -2.96 -0.48 -17.63
N MET H 53 -3.38 -0.49 -18.90
CA MET H 53 -4.51 -1.33 -19.29
C MET H 53 -4.18 -2.82 -19.16
N LEU H 54 -2.97 -3.23 -19.55
CA LEU H 54 -2.61 -4.63 -19.35
C LEU H 54 -2.54 -4.98 -17.88
N ARG H 55 -2.00 -4.08 -17.04
CA ARG H 55 -2.01 -4.34 -15.60
C ARG H 55 -3.43 -4.51 -15.09
N LEU H 56 -4.35 -3.68 -15.60
CA LEU H 56 -5.73 -3.73 -15.13
C LEU H 56 -6.37 -5.07 -15.47
N PHE H 57 -6.30 -5.44 -16.75
CA PHE H 57 -6.88 -6.71 -17.16
C PHE H 57 -6.14 -7.88 -16.51
N ASP H 58 -4.86 -7.70 -16.17
CA ASP H 58 -4.12 -8.75 -15.51
C ASP H 58 -4.66 -9.03 -14.12
N PHE H 59 -4.82 -7.98 -13.31
CA PHE H 59 -5.28 -8.19 -11.91
C PHE H 59 -6.71 -8.75 -11.97
N ASN H 60 -7.47 -8.37 -13.00
CA ASN H 60 -8.83 -8.89 -13.16
C ASN H 60 -8.79 -10.39 -13.44
N LYS H 61 -7.97 -10.79 -14.42
CA LYS H 61 -7.80 -12.21 -14.72
C LYS H 61 -7.44 -12.99 -13.47
N GLN H 62 -6.52 -12.45 -12.66
CA GLN H 62 -6.19 -13.11 -11.39
C GLN H 62 -7.35 -13.05 -10.40
N ALA H 63 -8.21 -12.04 -10.50
CA ALA H 63 -9.28 -11.88 -9.52
C ALA H 63 -10.34 -12.96 -9.70
N ILE H 64 -10.80 -13.16 -10.93
CA ILE H 64 -11.72 -14.29 -11.15
C ILE H 64 -10.99 -15.62 -11.03
N GLN H 65 -9.81 -15.77 -11.65
CA GLN H 65 -9.25 -17.11 -11.75
C GLN H 65 -8.51 -17.55 -10.48
N ARG H 66 -8.18 -16.63 -9.55
CA ARG H 66 -7.65 -16.99 -8.23
C ARG H 66 -8.57 -16.57 -7.10
N LEU H 67 -8.93 -15.29 -6.98
CA LEU H 67 -9.70 -14.86 -5.82
C LEU H 67 -11.16 -15.33 -5.94
N LYS H 68 -11.80 -15.45 -4.79
CA LYS H 68 -13.18 -15.93 -4.72
C LYS H 68 -14.16 -14.81 -5.06
N MET H 73 -21.04 -8.53 -5.63
CA MET H 73 -19.61 -8.20 -5.69
C MET H 73 -19.34 -6.99 -4.81
N SER H 74 -18.06 -6.68 -4.62
CA SER H 74 -17.63 -5.59 -3.77
C SER H 74 -16.54 -4.80 -4.47
N ILE H 75 -16.28 -3.61 -3.93
CA ILE H 75 -15.37 -2.62 -4.52
C ILE H 75 -14.13 -2.41 -3.66
N GLN H 76 -14.02 -3.10 -2.53
CA GLN H 76 -12.88 -2.93 -1.62
C GLN H 76 -11.56 -3.28 -2.31
N LEU H 77 -11.56 -4.31 -3.16
CA LEU H 77 -10.32 -4.80 -3.74
C LEU H 77 -9.68 -3.76 -4.66
N ILE H 78 -10.47 -3.19 -5.57
CA ILE H 78 -9.92 -2.19 -6.49
C ILE H 78 -9.52 -0.94 -5.73
N ASN H 79 -10.32 -0.54 -4.74
CA ASN H 79 -10.03 0.70 -4.03
C ASN H 79 -8.74 0.53 -3.23
N LYS H 80 -8.48 -0.67 -2.73
CA LYS H 80 -7.18 -0.96 -2.16
C LYS H 80 -6.08 -0.86 -3.22
N ALA H 81 -6.32 -1.42 -4.41
CA ALA H 81 -5.24 -1.72 -5.34
C ALA H 81 -4.94 -0.63 -6.37
N VAL H 82 -5.67 0.51 -6.32
CA VAL H 82 -5.58 1.53 -7.39
C VAL H 82 -4.14 2.00 -7.62
N ASN H 83 -3.42 2.35 -6.55
CA ASN H 83 -2.17 3.07 -6.71
C ASN H 83 -0.96 2.16 -6.85
N ALA H 84 -1.09 0.88 -6.51
CA ALA H 84 -0.13 -0.10 -6.97
C ALA H 84 -0.35 -0.45 -8.43
N LEU H 85 -1.60 -0.42 -8.89
CA LEU H 85 -1.87 -0.87 -10.25
C LEU H 85 -1.57 0.20 -11.28
N ILE H 86 -2.29 1.32 -11.23
CA ILE H 86 -2.17 2.42 -12.18
C ILE H 86 -1.93 3.71 -11.42
N ASN H 87 -0.98 4.52 -11.90
CA ASN H 87 -0.82 5.85 -11.33
C ASN H 87 -2.07 6.66 -11.69
N ASP H 88 -2.70 7.23 -10.66
CA ASP H 88 -3.93 7.97 -10.90
C ASP H 88 -3.70 9.25 -11.69
N GLN H 89 -2.51 9.83 -11.61
CA GLN H 89 -2.34 11.18 -12.13
C GLN H 89 -2.28 11.22 -13.65
N LEU H 90 -2.02 10.09 -14.30
CA LEU H 90 -2.17 10.02 -15.75
C LEU H 90 -3.61 10.25 -16.13
N ILE H 91 -4.54 9.72 -15.35
CA ILE H 91 -5.93 9.94 -15.67
C ILE H 91 -6.26 11.40 -15.43
N MET H 92 -5.70 11.98 -14.37
CA MET H 92 -5.89 13.41 -14.13
C MET H 92 -5.27 14.21 -15.26
N LYS H 93 -4.10 13.76 -15.74
CA LYS H 93 -3.46 14.40 -16.88
C LYS H 93 -4.37 14.37 -18.10
N ASN H 94 -4.98 13.21 -18.36
CA ASN H 94 -5.85 13.12 -19.54
C ASN H 94 -7.05 14.02 -19.36
N HIS H 95 -7.62 14.03 -18.16
CA HIS H 95 -8.76 14.92 -17.91
C HIS H 95 -8.32 16.36 -18.00
N LEU H 96 -7.11 16.65 -17.54
CA LEU H 96 -6.59 18.01 -17.63
C LEU H 96 -6.46 18.41 -19.09
N ARG H 97 -5.95 17.51 -19.93
CA ARG H 97 -5.88 17.83 -21.35
C ARG H 97 -7.27 17.90 -21.96
N ASP H 98 -8.23 17.17 -21.40
CA ASP H 98 -9.59 17.28 -21.89
C ASP H 98 -10.14 18.69 -21.68
N ILE H 99 -9.95 19.26 -20.47
CA ILE H 99 -10.48 20.62 -20.29
C ILE H 99 -9.71 21.67 -21.10
N MET H 100 -8.41 21.50 -21.30
CA MET H 100 -7.65 22.50 -22.07
C MET H 100 -7.88 22.41 -23.59
N CYS H 101 -8.79 21.56 -24.07
CA CYS H 101 -9.29 21.53 -25.45
C CYS H 101 -8.30 20.88 -26.42
N ILE H 102 -7.09 20.54 -26.02
CA ILE H 102 -6.17 19.81 -26.90
C ILE H 102 -6.65 18.37 -26.94
N PRO H 103 -6.19 17.55 -27.89
CA PRO H 103 -6.58 16.14 -27.89
C PRO H 103 -6.14 15.44 -26.62
N TYR H 104 -7.03 14.60 -26.09
CA TYR H 104 -6.79 13.77 -24.92
C TYR H 104 -7.00 12.32 -25.32
N CYS H 105 -7.00 11.42 -24.32
CA CYS H 105 -7.09 10.00 -24.54
C CYS H 105 -8.26 9.41 -23.74
N ASN H 106 -9.13 8.67 -24.42
CA ASN H 106 -10.24 7.95 -23.79
C ASN H 106 -9.88 6.52 -23.40
N TYR H 107 -8.65 6.07 -23.70
CA TYR H 107 -8.20 4.69 -23.45
C TYR H 107 -9.03 3.65 -24.21
N SER H 108 -9.53 3.97 -25.40
CA SER H 108 -10.34 3.04 -26.18
C SER H 108 -9.55 2.41 -27.33
N LYS H 109 -9.06 3.22 -28.25
CA LYS H 109 -8.44 2.75 -29.48
C LYS H 109 -6.95 3.08 -29.46
N TYR H 110 -6.13 2.10 -29.79
CA TYR H 110 -4.68 2.14 -29.70
C TYR H 110 -4.10 1.86 -31.08
N TRP H 111 -2.86 2.30 -31.30
CA TRP H 111 -2.19 2.11 -32.58
C TRP H 111 -0.75 1.64 -32.35
N TYR H 112 -0.26 0.84 -33.28
CA TYR H 112 1.03 0.19 -33.15
C TYR H 112 1.51 -0.22 -34.53
N LEU H 113 2.80 -0.56 -34.61
CA LEU H 113 3.46 -0.91 -35.87
C LEU H 113 4.19 -2.23 -35.69
N ASN H 114 3.66 -3.30 -36.29
CA ASN H 114 4.36 -4.58 -36.32
C ASN H 114 5.26 -4.63 -37.56
N HIS H 115 6.46 -5.15 -37.38
CA HIS H 115 7.36 -5.33 -38.51
C HIS H 115 6.78 -6.37 -39.46
N THR H 116 6.93 -6.12 -40.76
CA THR H 116 6.35 -7.01 -41.75
C THR H 116 6.95 -8.42 -41.67
N THR H 117 8.26 -8.51 -41.48
CA THR H 117 8.97 -9.78 -41.56
C THR H 117 9.14 -10.47 -40.21
N THR H 118 8.72 -9.86 -39.10
CA THR H 118 8.84 -10.50 -37.81
C THR H 118 7.84 -9.85 -36.85
N GLY H 119 7.58 -10.56 -35.76
CA GLY H 119 6.57 -10.17 -34.79
C GLY H 119 6.97 -9.10 -33.79
N ARG H 120 8.21 -8.63 -33.83
CA ARG H 120 8.64 -7.56 -32.95
C ARG H 120 7.86 -6.30 -33.26
N THR H 121 7.30 -5.66 -32.22
CA THR H 121 6.27 -4.66 -32.39
C THR H 121 6.53 -3.49 -31.44
N SER H 122 6.22 -2.28 -31.92
CA SER H 122 6.36 -1.09 -31.11
C SER H 122 5.38 -1.12 -29.94
N LEU H 123 5.74 -0.44 -28.86
CA LEU H 123 4.82 -0.34 -27.74
C LEU H 123 3.65 0.54 -28.16
N PRO H 124 2.39 0.09 -28.07
CA PRO H 124 1.28 0.95 -28.50
C PRO H 124 1.16 2.20 -27.63
N LYS H 125 0.90 3.32 -28.31
CA LYS H 125 0.44 4.55 -27.68
C LYS H 125 -0.98 4.83 -28.17
N CYS H 126 -1.79 5.41 -27.29
CA CYS H 126 -3.22 5.45 -27.53
C CYS H 126 -3.60 6.49 -28.59
N TRP H 127 -4.65 6.17 -29.35
CA TRP H 127 -5.22 7.14 -30.26
C TRP H 127 -5.77 8.32 -29.48
N LEU H 128 -5.57 9.52 -30.02
CA LEU H 128 -6.06 10.75 -29.42
C LEU H 128 -7.43 11.09 -29.99
N VAL H 129 -8.29 11.66 -29.15
CA VAL H 129 -9.65 12.01 -29.51
C VAL H 129 -9.79 13.52 -29.45
N SER H 130 -10.66 14.06 -30.31
CA SER H 130 -10.83 15.51 -30.49
C SER H 130 -12.32 15.81 -30.50
N ASN H 131 -12.81 16.41 -29.41
CA ASN H 131 -14.18 16.92 -29.33
C ASN H 131 -15.20 15.83 -29.57
N GLY H 132 -14.96 14.66 -28.98
CA GLY H 132 -15.83 13.51 -29.17
C GLY H 132 -15.64 12.78 -30.47
N SER H 133 -14.63 13.13 -31.27
CA SER H 133 -14.34 12.48 -32.54
C SER H 133 -12.85 12.16 -32.60
N TYR H 134 -12.52 10.99 -33.14
CA TYR H 134 -11.13 10.54 -33.16
C TYR H 134 -10.27 11.44 -34.04
N LEU H 135 -9.09 11.77 -33.52
CA LEU H 135 -8.17 12.66 -34.21
C LEU H 135 -7.67 12.01 -35.49
N ASN H 136 -7.51 12.82 -36.54
CA ASN H 136 -7.07 12.31 -37.82
C ASN H 136 -5.61 11.88 -37.74
N GLU H 137 -5.24 10.97 -38.64
CA GLU H 137 -3.87 10.49 -38.76
C GLU H 137 -2.88 11.62 -39.01
N THR H 138 -3.29 12.68 -39.70
CA THR H 138 -2.35 13.72 -40.10
C THR H 138 -1.85 14.52 -38.90
N HIS H 139 -2.64 14.61 -37.83
CA HIS H 139 -2.27 15.50 -36.74
C HIS H 139 -1.13 14.92 -35.89
N PHE H 140 -1.07 13.58 -35.77
CA PHE H 140 -0.01 12.90 -35.03
C PHE H 140 0.82 11.96 -35.91
N SER H 141 0.81 12.18 -37.23
CA SER H 141 1.79 11.56 -38.10
C SER H 141 3.22 11.88 -37.66
N ASP H 142 3.46 13.08 -37.13
CA ASP H 142 4.79 13.40 -36.62
C ASP H 142 5.16 12.53 -35.44
N ASP H 143 4.21 12.29 -34.52
CA ASP H 143 4.46 11.39 -33.41
C ASP H 143 4.76 9.97 -33.90
N ILE H 144 4.04 9.52 -34.92
CA ILE H 144 4.31 8.20 -35.49
C ILE H 144 5.70 8.17 -36.12
N GLU H 145 6.10 9.26 -36.77
CA GLU H 145 7.44 9.32 -37.37
C GLU H 145 8.51 9.25 -36.28
N GLN H 146 8.30 9.93 -35.17
CA GLN H 146 9.26 9.86 -34.07
C GLN H 146 9.32 8.45 -33.50
N GLN H 147 8.16 7.79 -33.38
CA GLN H 147 8.13 6.41 -32.93
C GLN H 147 8.92 5.50 -33.86
N ALA H 148 8.72 5.66 -35.17
CA ALA H 148 9.45 4.83 -36.13
C ALA H 148 10.94 5.11 -36.08
N ASP H 149 11.33 6.38 -35.91
CA ASP H 149 12.74 6.74 -35.79
C ASP H 149 13.36 6.07 -34.58
N ASN H 150 12.67 6.12 -33.44
CA ASN H 150 13.15 5.46 -32.24
C ASN H 150 13.24 3.95 -32.44
N MET H 151 12.28 3.37 -33.16
CA MET H 151 12.28 1.93 -33.37
C MET H 151 13.46 1.49 -34.23
N ILE H 152 13.73 2.20 -35.31
CA ILE H 152 14.89 1.84 -36.14
C ILE H 152 16.18 2.10 -35.37
N THR H 153 16.20 3.11 -34.50
CA THR H 153 17.36 3.30 -33.64
C THR H 153 17.55 2.12 -32.70
N GLU H 154 16.45 1.55 -32.20
CA GLU H 154 16.54 0.40 -31.32
C GLU H 154 17.13 -0.81 -32.03
N MET H 155 16.90 -0.93 -33.33
CA MET H 155 17.42 -2.05 -34.11
C MET H 155 18.94 -1.94 -34.12
#